data_4EAM
#
_entry.id   4EAM
#
_cell.length_a   167.700
_cell.length_b   167.700
_cell.length_c   96.398
_cell.angle_alpha   90.000
_cell.angle_beta   90.000
_cell.angle_gamma   120.000
#
_symmetry.space_group_name_H-M   'P 31 2 1'
#
loop_
_entity.id
_entity.type
_entity.pdbx_description
1 polymer Beta-galactosidase
2 non-polymer 'CHLORIDE ION'
3 non-polymer (4S)-2-METHYL-2,4-PENTANEDIOL
4 non-polymer 2-AMINO-2-HYDROXYMETHYL-PROPANE-1,3-DIOL
5 water water
#
_entity_poly.entity_id   1
_entity_poly.type   'polypeptide(L)'
_entity_poly.pdbx_seq_one_letter_code
;MYSFPNSFRFGWSQAGFQSEMGTPGSEDPNTDGYKWVHDPENMAAGLVSGDLPENGPGYWGNYKTFHDNAQKMGLKIARL
NVEWSRIFPNPLPRPQNFDESKQDVTEVEINENELKRLDEYANKDALNHYREIFKDLKSRGLYFILNMYHWPLPLWLHDP
IRVRRGDFTGPSGWLSTRTVYEFARFSAYIAWKFDDLVDEYSTMNEPNVVGGLGYVGVKSGFPPGYLSFELSRRAMYNII
QAHARAYDGIKSVSKKPVGIIYANSSFQPLTDKDMEAVEMAENDNRWWFFDAIIRGEITRGNEKIVRDDLKGRLDWIGVN
YYTRTVVKRTEKGYVSLGGYGHGCERNSVSLAGLPTSDFGWEFFPEGLYDVLTKYWNRYHLYMYVTENGIADDADYQRPY
YLVSHVYQVHRAINSGADVRGYLHWSLADNYEWASGFSMRFGLLKVDYNTKRLYWRPSALVYREIATNGAITDEIEHLNS
VPPVKPLRH
;
_entity_poly.pdbx_strand_id   A,B
#
loop_
_chem_comp.id
_chem_comp.type
_chem_comp.name
_chem_comp.formula
CL non-polymer 'CHLORIDE ION' 'Cl -1'
MPD non-polymer (4S)-2-METHYL-2,4-PENTANEDIOL 'C6 H14 O2'
TRS non-polymer 2-AMINO-2-HYDROXYMETHYL-PROPANE-1,3-DIOL 'C4 H12 N O3 1'
#
# COMPACT_ATOMS: atom_id res chain seq x y z
N MET A 1 -14.65 -29.94 -4.98
CA MET A 1 -14.93 -29.81 -3.51
C MET A 1 -13.81 -30.44 -2.70
N TYR A 2 -13.74 -30.07 -1.43
CA TYR A 2 -12.79 -30.71 -0.52
C TYR A 2 -13.60 -31.26 0.63
N SER A 3 -13.68 -32.60 0.69
CA SER A 3 -14.54 -33.28 1.66
C SER A 3 -13.76 -33.73 2.87
N PHE A 4 -14.44 -33.78 4.00
CA PHE A 4 -13.81 -34.21 5.24
C PHE A 4 -14.31 -35.60 5.64
N PRO A 5 -13.54 -36.28 6.49
CA PRO A 5 -14.02 -37.60 6.95
C PRO A 5 -15.41 -37.50 7.57
N ASN A 6 -16.18 -38.58 7.45
CA ASN A 6 -17.55 -38.58 7.93
C ASN A 6 -17.64 -38.26 9.42
N SER A 7 -16.62 -38.63 10.18
CA SER A 7 -16.58 -38.40 11.62
C SER A 7 -16.02 -37.05 12.05
N PHE A 8 -15.51 -36.27 11.09
CA PHE A 8 -14.96 -34.94 11.38
C PHE A 8 -16.06 -33.95 11.75
N ARG A 9 -15.85 -33.17 12.81
CA ARG A 9 -16.85 -32.23 13.28
C ARG A 9 -16.41 -30.76 13.15
N PHE A 10 -17.31 -29.94 12.62
CA PHE A 10 -17.14 -28.47 12.62
C PHE A 10 -17.91 -27.86 13.78
N GLY A 11 -17.28 -26.92 14.45
CA GLY A 11 -17.86 -26.34 15.66
C GLY A 11 -17.29 -24.97 16.04
N TRP A 12 -17.29 -24.68 17.34
CA TRP A 12 -16.79 -23.43 17.88
C TRP A 12 -16.26 -23.63 19.28
N SER A 13 -15.43 -22.67 19.69
CA SER A 13 -14.92 -22.60 21.04
C SER A 13 -15.31 -21.26 21.61
N GLN A 14 -15.48 -21.24 22.94
CA GLN A 14 -15.67 -20.00 23.67
C GLN A 14 -15.25 -20.15 25.12
N ALA A 15 -15.12 -19.01 25.77
CA ALA A 15 -14.65 -18.93 27.15
C ALA A 15 -15.73 -18.36 28.07
N GLY A 16 -15.75 -18.83 29.31
CA GLY A 16 -16.76 -18.37 30.25
C GLY A 16 -16.67 -16.89 30.62
N PHE A 17 -15.48 -16.46 31.05
CA PHE A 17 -15.24 -15.05 31.42
C PHE A 17 -15.61 -14.11 30.28
N GLN A 18 -15.40 -14.56 29.05
CA GLN A 18 -15.51 -13.69 27.89
C GLN A 18 -16.90 -13.65 27.32
N SER A 19 -17.67 -14.70 27.58
CA SER A 19 -19.02 -14.79 26.99
C SER A 19 -20.20 -14.87 27.94
N GLU A 20 -19.99 -15.30 29.20
CA GLU A 20 -21.10 -15.64 30.07
C GLU A 20 -21.89 -14.43 30.54
N MET A 21 -21.20 -13.35 30.90
CA MET A 21 -21.85 -12.26 31.58
C MET A 21 -22.57 -11.33 30.62
N GLY A 22 -23.59 -10.64 31.14
CA GLY A 22 -24.29 -9.61 30.40
C GLY A 22 -25.81 -9.63 30.60
N THR A 23 -26.34 -10.75 31.10
CA THR A 23 -27.76 -10.87 31.46
C THR A 23 -27.88 -10.74 32.98
N PRO A 24 -29.07 -10.34 33.48
CA PRO A 24 -29.27 -10.16 34.92
C PRO A 24 -28.90 -11.39 35.72
N GLY A 25 -28.12 -11.19 36.78
CA GLY A 25 -27.74 -12.25 37.70
C GLY A 25 -26.55 -13.07 37.26
N SER A 26 -25.95 -12.72 36.13
CA SER A 26 -24.84 -13.50 35.57
C SER A 26 -23.45 -13.04 36.03
N GLU A 27 -23.34 -11.89 36.68
CA GLU A 27 -22.02 -11.37 36.99
C GLU A 27 -21.21 -12.31 37.89
N ASP A 28 -19.95 -12.58 37.55
CA ASP A 28 -19.01 -13.24 38.46
C ASP A 28 -17.90 -12.28 38.88
N PRO A 29 -18.06 -11.66 40.05
CA PRO A 29 -17.08 -10.65 40.47
C PRO A 29 -15.86 -11.20 41.21
N ASN A 30 -15.67 -12.52 41.20
CA ASN A 30 -14.79 -13.13 42.18
C ASN A 30 -13.48 -13.70 41.63
N THR A 31 -13.10 -13.28 40.43
CA THR A 31 -11.84 -13.69 39.84
C THR A 31 -10.74 -12.64 39.87
N ASP A 32 -9.51 -13.11 39.74
CA ASP A 32 -8.40 -12.20 39.44
C ASP A 32 -8.66 -11.38 38.20
N GLY A 33 -9.22 -12.00 37.16
CA GLY A 33 -9.51 -11.29 35.93
C GLY A 33 -10.47 -10.13 36.11
N TYR A 34 -11.53 -10.36 36.88
CA TYR A 34 -12.50 -9.32 37.14
C TYR A 34 -11.83 -8.15 37.87
N LYS A 35 -11.04 -8.43 38.91
CA LYS A 35 -10.39 -7.36 39.64
C LYS A 35 -9.46 -6.58 38.70
N TRP A 36 -8.71 -7.33 37.91
CA TRP A 36 -7.72 -6.76 36.99
C TRP A 36 -8.35 -5.74 36.02
N VAL A 37 -9.46 -6.11 35.39
CA VAL A 37 -10.01 -5.25 34.36
C VAL A 37 -10.84 -4.11 34.92
N HIS A 38 -11.19 -4.16 36.23
CA HIS A 38 -11.85 -3.04 36.91
C HIS A 38 -10.89 -2.13 37.63
N ASP A 39 -9.60 -2.47 37.65
CA ASP A 39 -8.66 -1.73 38.49
C ASP A 39 -8.42 -0.31 37.97
N PRO A 40 -8.58 0.71 38.85
CA PRO A 40 -8.46 2.10 38.38
C PRO A 40 -7.07 2.44 37.82
N GLU A 41 -6.00 1.94 38.43
CA GLU A 41 -4.65 2.21 37.94
C GLU A 41 -4.42 1.56 36.57
N ASN A 42 -4.83 0.31 36.42
CA ASN A 42 -4.72 -0.34 35.12
C ASN A 42 -5.50 0.40 34.04
N MET A 43 -6.69 0.92 34.38
CA MET A 43 -7.44 1.76 33.42
C MET A 43 -6.71 3.05 33.04
N ALA A 44 -6.23 3.77 34.04
CA ALA A 44 -5.50 5.00 33.80
C ALA A 44 -4.24 4.81 32.96
N ALA A 45 -3.58 3.67 33.13
CA ALA A 45 -2.36 3.35 32.39
C ALA A 45 -2.69 2.90 30.96
N GLY A 46 -3.96 2.66 30.71
CA GLY A 46 -4.38 2.10 29.42
C GLY A 46 -3.96 0.64 29.23
N LEU A 47 -3.64 -0.04 30.33
CA LEU A 47 -3.31 -1.46 30.26
C LEU A 47 -4.55 -2.29 29.92
N VAL A 48 -5.70 -1.81 30.34
CA VAL A 48 -6.99 -2.40 29.99
C VAL A 48 -7.88 -1.29 29.40
N SER A 49 -8.86 -1.69 28.58
CA SER A 49 -9.64 -0.75 27.76
C SER A 49 -10.63 0.09 28.53
N GLY A 50 -11.03 -0.38 29.70
CA GLY A 50 -12.13 0.22 30.43
C GLY A 50 -13.48 -0.44 30.15
N ASP A 51 -13.57 -1.26 29.11
CA ASP A 51 -14.77 -2.08 28.90
C ASP A 51 -14.81 -3.14 30.00
N LEU A 52 -16.03 -3.54 30.38
CA LEU A 52 -16.19 -4.44 31.55
C LEU A 52 -16.97 -5.71 31.13
N PRO A 53 -16.54 -6.86 31.63
CA PRO A 53 -17.08 -8.12 31.09
C PRO A 53 -18.53 -8.34 31.45
N GLU A 54 -18.99 -7.71 32.53
CA GLU A 54 -20.39 -7.79 32.91
C GLU A 54 -21.37 -7.13 31.93
N ASN A 55 -20.85 -6.43 30.94
CA ASN A 55 -21.68 -5.89 29.86
C ASN A 55 -21.60 -6.72 28.58
N GLY A 56 -21.21 -7.98 28.76
CA GLY A 56 -20.93 -8.91 27.68
C GLY A 56 -22.15 -9.50 26.97
N PRO A 57 -21.90 -10.58 26.23
CA PRO A 57 -22.92 -11.11 25.31
C PRO A 57 -23.99 -11.97 25.99
N GLY A 58 -23.81 -12.30 27.27
CA GLY A 58 -24.92 -12.86 28.04
C GLY A 58 -25.23 -14.33 27.82
N TYR A 59 -24.22 -15.15 27.54
CA TYR A 59 -24.39 -16.59 27.37
C TYR A 59 -25.00 -17.29 28.60
N TRP A 60 -24.70 -16.79 29.79
CA TRP A 60 -25.23 -17.40 31.00
C TRP A 60 -26.75 -17.43 30.94
N GLY A 61 -27.38 -16.35 30.49
CA GLY A 61 -28.83 -16.30 30.38
C GLY A 61 -29.39 -16.74 29.03
N ASN A 62 -28.60 -16.55 27.97
CA ASN A 62 -29.12 -16.66 26.62
C ASN A 62 -28.54 -17.84 25.86
N TYR A 63 -27.97 -18.80 26.60
CA TYR A 63 -27.32 -19.93 25.96
C TYR A 63 -28.22 -20.68 24.97
N LYS A 64 -29.51 -20.80 25.24
CA LYS A 64 -30.36 -21.51 24.30
C LYS A 64 -30.34 -20.88 22.91
N THR A 65 -30.29 -19.55 22.88
CA THR A 65 -30.23 -18.85 21.62
C THR A 65 -28.89 -19.04 20.91
N PHE A 66 -27.80 -19.07 21.69
CA PHE A 66 -26.50 -19.37 21.10
C PHE A 66 -26.59 -20.75 20.47
N HIS A 67 -27.12 -21.70 21.22
CA HIS A 67 -27.13 -23.10 20.77
C HIS A 67 -28.05 -23.30 19.58
N ASP A 68 -29.20 -22.61 19.58
CA ASP A 68 -30.14 -22.59 18.47
CA ASP A 68 -30.12 -22.68 18.45
C ASP A 68 -29.42 -22.22 17.17
N ASN A 69 -28.70 -21.11 17.23
CA ASN A 69 -27.96 -20.62 16.07
C ASN A 69 -26.86 -21.58 15.62
N ALA A 70 -26.14 -22.15 16.59
CA ALA A 70 -25.13 -23.15 16.27
C ALA A 70 -25.75 -24.35 15.57
N GLN A 71 -26.90 -24.81 16.06
CA GLN A 71 -27.58 -25.95 15.48
C GLN A 71 -28.02 -25.63 14.04
N LYS A 72 -28.58 -24.45 13.85
CA LYS A 72 -29.00 -24.01 12.51
C LYS A 72 -27.83 -23.85 11.54
N MET A 73 -26.65 -23.59 12.09
CA MET A 73 -25.43 -23.44 11.30
C MET A 73 -24.79 -24.81 10.97
N GLY A 74 -25.36 -25.89 11.49
CA GLY A 74 -24.88 -27.22 11.20
C GLY A 74 -23.68 -27.67 12.03
N LEU A 75 -23.39 -26.94 13.11
CA LEU A 75 -22.23 -27.24 13.97
C LEU A 75 -22.51 -28.52 14.78
N LYS A 76 -21.46 -29.30 15.03
CA LYS A 76 -21.59 -30.62 15.65
C LYS A 76 -20.62 -30.80 16.83
N ILE A 77 -19.94 -29.74 17.21
CA ILE A 77 -18.99 -29.82 18.32
C ILE A 77 -18.82 -28.45 18.98
N ALA A 78 -18.68 -28.44 20.30
CA ALA A 78 -18.40 -27.21 21.01
C ALA A 78 -17.36 -27.48 22.08
N ARG A 79 -16.49 -26.49 22.28
CA ARG A 79 -15.57 -26.48 23.41
C ARG A 79 -15.83 -25.26 24.26
N LEU A 80 -16.14 -25.53 25.54
CA LEU A 80 -16.49 -24.50 26.52
C LEU A 80 -15.72 -24.78 27.80
N ASN A 81 -15.64 -23.80 28.71
CA ASN A 81 -15.15 -24.12 30.06
C ASN A 81 -16.14 -23.79 31.17
N VAL A 82 -15.88 -24.41 32.30
CA VAL A 82 -16.51 -24.01 33.56
CA VAL A 82 -16.50 -24.05 33.58
C VAL A 82 -15.57 -23.05 34.25
N GLU A 83 -16.12 -21.97 34.80
CA GLU A 83 -15.32 -21.01 35.54
C GLU A 83 -15.17 -21.44 37.01
N TRP A 84 -13.94 -21.76 37.38
CA TRP A 84 -13.56 -22.23 38.73
C TRP A 84 -14.16 -21.32 39.79
N SER A 85 -14.05 -20.01 39.58
CA SER A 85 -14.57 -19.00 40.50
CA SER A 85 -14.56 -19.02 40.52
C SER A 85 -16.08 -19.11 40.76
N ARG A 86 -16.84 -19.52 39.75
CA ARG A 86 -18.28 -19.71 39.94
C ARG A 86 -18.58 -20.90 40.84
N ILE A 87 -17.76 -21.94 40.75
CA ILE A 87 -17.97 -23.15 41.52
C ILE A 87 -17.49 -22.98 42.96
N PHE A 88 -16.34 -22.32 43.14
CA PHE A 88 -15.81 -22.05 44.48
C PHE A 88 -15.53 -20.57 44.67
N PRO A 89 -16.58 -19.79 44.92
CA PRO A 89 -16.46 -18.34 45.05
C PRO A 89 -15.83 -17.94 46.38
N ASN A 90 -15.78 -18.85 47.35
CA ASN A 90 -15.14 -18.57 48.64
C ASN A 90 -14.01 -19.58 48.83
N PRO A 91 -13.08 -19.31 49.77
CA PRO A 91 -11.88 -20.16 49.82
C PRO A 91 -12.11 -21.58 50.37
N LEU A 92 -11.24 -22.52 49.95
CA LEU A 92 -11.31 -23.88 50.47
C LEU A 92 -10.41 -24.06 51.65
N PRO A 93 -10.71 -25.07 52.50
CA PRO A 93 -9.79 -25.46 53.57
C PRO A 93 -8.41 -25.78 53.02
N ARG A 94 -7.39 -25.41 53.79
CA ARG A 94 -6.00 -25.68 53.45
C ARG A 94 -5.70 -27.15 53.65
N PRO A 95 -4.74 -27.67 52.88
CA PRO A 95 -4.30 -29.07 52.98
C PRO A 95 -3.10 -29.23 53.92
N PHE A 98 0.07 -31.21 52.80
CA PHE A 98 0.54 -30.32 51.74
C PHE A 98 1.58 -29.33 52.27
N ASP A 99 2.76 -29.38 51.66
CA ASP A 99 3.90 -28.55 52.04
C ASP A 99 4.17 -27.50 50.95
N GLU A 100 3.80 -26.25 51.23
CA GLU A 100 3.90 -25.16 50.26
C GLU A 100 5.34 -24.95 49.77
N SER A 101 6.32 -25.28 50.61
CA SER A 101 7.71 -25.04 50.29
C SER A 101 8.31 -26.12 49.38
N LYS A 102 7.58 -27.23 49.21
CA LYS A 102 7.99 -28.25 48.25
C LYS A 102 7.85 -27.69 46.83
N GLN A 103 8.93 -27.65 46.08
CA GLN A 103 8.91 -27.14 44.70
C GLN A 103 8.14 -28.05 43.74
N ASP A 104 8.34 -29.37 43.87
CA ASP A 104 7.73 -30.35 42.98
C ASP A 104 6.46 -30.93 43.61
N VAL A 105 5.40 -30.97 42.79
CA VAL A 105 4.14 -31.60 43.19
C VAL A 105 3.99 -32.84 42.32
N THR A 106 4.31 -34.00 42.90
CA THR A 106 4.37 -35.24 42.14
C THR A 106 3.09 -36.06 42.25
N GLU A 107 2.24 -35.70 43.21
CA GLU A 107 0.99 -36.42 43.43
C GLU A 107 0.01 -35.52 44.16
N VAL A 108 -1.26 -35.62 43.79
CA VAL A 108 -2.32 -34.97 44.53
C VAL A 108 -3.43 -35.99 44.67
N GLU A 109 -3.58 -36.51 45.87
CA GLU A 109 -4.53 -37.60 46.10
C GLU A 109 -5.97 -37.14 45.97
N ILE A 110 -6.73 -37.93 45.22
CA ILE A 110 -8.14 -37.70 45.00
C ILE A 110 -8.83 -38.95 45.51
N ASN A 111 -9.80 -38.79 46.39
CA ASN A 111 -10.58 -39.93 46.84
C ASN A 111 -12.04 -39.52 47.04
N GLU A 112 -12.91 -40.51 47.24
CA GLU A 112 -14.32 -40.23 47.40
C GLU A 112 -14.62 -39.27 48.57
N ASN A 113 -14.02 -39.48 49.73
CA ASN A 113 -14.34 -38.63 50.85
CA ASN A 113 -14.27 -38.62 50.88
C ASN A 113 -13.90 -37.19 50.56
N GLU A 114 -12.74 -37.01 49.92
CA GLU A 114 -12.26 -35.67 49.59
C GLU A 114 -13.22 -34.99 48.58
N LEU A 115 -13.70 -35.76 47.61
CA LEU A 115 -14.64 -35.21 46.65
C LEU A 115 -15.95 -34.80 47.33
N LYS A 116 -16.41 -35.61 48.29
CA LYS A 116 -17.67 -35.31 48.98
C LYS A 116 -17.52 -34.10 49.92
N ARG A 117 -16.31 -33.88 50.43
CA ARG A 117 -16.03 -32.69 51.26
C ARG A 117 -15.95 -31.43 50.38
N LEU A 118 -15.30 -31.54 49.23
CA LEU A 118 -15.25 -30.42 48.27
C LEU A 118 -16.65 -30.01 47.90
N ASP A 119 -17.52 -30.99 47.72
CA ASP A 119 -18.89 -30.75 47.33
C ASP A 119 -19.66 -29.83 48.30
N GLU A 120 -19.28 -29.86 49.58
CA GLU A 120 -19.92 -29.03 50.60
C GLU A 120 -19.66 -27.56 50.34
N TYR A 121 -18.53 -27.26 49.70
CA TYR A 121 -18.14 -25.87 49.47
C TYR A 121 -18.53 -25.34 48.08
N ALA A 122 -19.05 -26.21 47.24
CA ALA A 122 -19.33 -25.83 45.85
C ALA A 122 -20.66 -25.06 45.77
N ASN A 123 -20.71 -24.08 44.85
CA ASN A 123 -21.91 -23.30 44.59
C ASN A 123 -22.88 -24.15 43.75
N LYS A 124 -23.89 -24.69 44.41
CA LYS A 124 -24.82 -25.59 43.73
C LYS A 124 -25.70 -24.89 42.69
N ASP A 125 -25.95 -23.60 42.86
CA ASP A 125 -26.71 -22.86 41.86
C ASP A 125 -25.91 -22.80 40.54
N ALA A 126 -24.61 -22.54 40.66
CA ALA A 126 -23.74 -22.48 39.48
C ALA A 126 -23.62 -23.87 38.85
N LEU A 127 -23.37 -24.88 39.67
CA LEU A 127 -23.23 -26.25 39.16
C LEU A 127 -24.47 -26.68 38.39
N ASN A 128 -25.63 -26.44 39.00
CA ASN A 128 -26.91 -26.79 38.38
C ASN A 128 -27.13 -26.05 37.07
N HIS A 129 -26.72 -24.78 37.04
CA HIS A 129 -26.94 -23.98 35.86
C HIS A 129 -26.02 -24.50 34.75
N TYR A 130 -24.76 -24.78 35.07
CA TYR A 130 -23.89 -25.38 34.06
C TYR A 130 -24.47 -26.72 33.54
N ARG A 131 -25.07 -27.53 34.40
CA ARG A 131 -25.66 -28.77 33.97
C ARG A 131 -26.76 -28.46 32.97
N GLU A 132 -27.57 -27.46 33.27
CA GLU A 132 -28.65 -27.10 32.34
C GLU A 132 -28.08 -26.64 30.99
N ILE A 133 -27.01 -25.85 31.02
CA ILE A 133 -26.41 -25.36 29.77
C ILE A 133 -25.89 -26.54 28.95
N PHE A 134 -25.16 -27.44 29.60
CA PHE A 134 -24.50 -28.55 28.91
C PHE A 134 -25.50 -29.61 28.42
N LYS A 135 -26.57 -29.81 29.18
CA LYS A 135 -27.67 -30.66 28.74
C LYS A 135 -28.32 -30.10 27.50
N ASP A 136 -28.54 -28.79 27.48
CA ASP A 136 -29.13 -28.17 26.30
C ASP A 136 -28.21 -28.39 25.11
N LEU A 137 -26.91 -28.18 25.33
CA LEU A 137 -25.92 -28.37 24.28
C LEU A 137 -25.98 -29.79 23.73
N LYS A 138 -25.94 -30.80 24.59
CA LYS A 138 -25.97 -32.18 24.15
CA LYS A 138 -25.95 -32.18 24.15
C LYS A 138 -27.27 -32.53 23.45
N SER A 139 -28.36 -31.90 23.87
CA SER A 139 -29.66 -32.18 23.23
C SER A 139 -29.70 -31.70 21.76
N ARG A 140 -28.77 -30.83 21.37
CA ARG A 140 -28.64 -30.41 19.97
C ARG A 140 -27.81 -31.39 19.15
N GLY A 141 -27.41 -32.50 19.75
CA GLY A 141 -26.50 -33.43 19.10
C GLY A 141 -25.10 -32.86 18.93
N LEU A 142 -24.73 -31.93 19.79
CA LEU A 142 -23.37 -31.39 19.78
C LEU A 142 -22.45 -32.25 20.66
N TYR A 143 -21.31 -32.62 20.10
CA TYR A 143 -20.21 -33.27 20.83
C TYR A 143 -19.55 -32.23 21.73
N PHE A 144 -19.10 -32.65 22.91
CA PHE A 144 -18.73 -31.67 23.95
C PHE A 144 -17.31 -31.86 24.48
N ILE A 145 -16.45 -30.87 24.24
CA ILE A 145 -15.16 -30.84 24.88
C ILE A 145 -15.23 -29.85 26.03
N LEU A 146 -15.06 -30.33 27.26
CA LEU A 146 -15.06 -29.47 28.42
C LEU A 146 -13.63 -29.15 28.82
N ASN A 147 -13.30 -27.86 28.81
CA ASN A 147 -12.03 -27.37 29.28
C ASN A 147 -12.17 -26.85 30.71
N MET A 148 -11.17 -27.08 31.57
CA MET A 148 -11.28 -26.71 32.98
C MET A 148 -10.87 -25.27 33.31
N TYR A 149 -10.02 -24.68 32.48
CA TYR A 149 -9.37 -23.44 32.85
C TYR A 149 -9.07 -22.60 31.61
N HIS A 150 -9.53 -21.33 31.62
CA HIS A 150 -9.31 -20.40 30.49
C HIS A 150 -8.85 -19.00 30.97
N TRP A 151 -8.06 -19.02 32.03
CA TRP A 151 -7.20 -17.94 32.54
C TRP A 151 -7.61 -17.35 33.89
N PRO A 152 -8.89 -17.01 34.08
CA PRO A 152 -9.22 -16.46 35.40
C PRO A 152 -9.14 -17.49 36.49
N LEU A 153 -8.55 -17.07 37.61
CA LEU A 153 -8.48 -17.85 38.84
C LEU A 153 -9.37 -17.20 39.91
N PRO A 154 -9.87 -18.02 40.86
CA PRO A 154 -10.55 -17.43 42.03
C PRO A 154 -9.65 -16.43 42.70
N LEU A 155 -10.20 -15.31 43.13
CA LEU A 155 -9.37 -14.28 43.75
C LEU A 155 -8.68 -14.85 45.00
N TRP A 156 -9.32 -15.80 45.67
CA TRP A 156 -8.72 -16.36 46.87
C TRP A 156 -7.41 -17.11 46.57
N LEU A 157 -7.14 -17.39 45.28
CA LEU A 157 -5.85 -17.98 44.85
C LEU A 157 -4.87 -17.00 44.19
N HIS A 158 -5.33 -15.82 43.81
CA HIS A 158 -4.49 -14.84 43.11
C HIS A 158 -5.06 -13.45 43.21
N ASP A 159 -4.37 -12.57 43.93
CA ASP A 159 -4.68 -11.15 43.90
C ASP A 159 -3.66 -10.50 42.99
N PRO A 160 -4.07 -10.22 41.74
CA PRO A 160 -3.11 -9.78 40.73
C PRO A 160 -2.65 -8.35 40.91
N ILE A 161 -3.36 -7.54 41.68
CA ILE A 161 -2.93 -6.16 41.90
C ILE A 161 -1.80 -6.14 42.94
N ARG A 162 -1.95 -6.93 44.01
CA ARG A 162 -0.90 -7.13 44.99
C ARG A 162 0.40 -7.60 44.33
N VAL A 163 0.33 -8.59 43.44
CA VAL A 163 1.49 -9.07 42.72
C VAL A 163 2.06 -8.00 41.74
N ARG A 164 1.21 -7.31 41.00
CA ARG A 164 1.64 -6.22 40.13
C ARG A 164 2.51 -5.23 40.91
N ARG A 165 2.10 -4.94 42.14
CA ARG A 165 2.80 -4.00 43.02
C ARG A 165 4.10 -4.53 43.63
N GLY A 166 4.40 -5.80 43.35
CA GLY A 166 5.62 -6.42 43.84
C GLY A 166 5.53 -7.03 45.23
N ASP A 167 4.31 -7.27 45.67
CA ASP A 167 4.04 -7.88 46.99
C ASP A 167 3.71 -9.34 46.80
N PHE A 168 4.60 -10.22 47.27
CA PHE A 168 4.45 -11.64 47.05
C PHE A 168 4.06 -12.40 48.34
N THR A 169 3.46 -11.68 49.28
CA THR A 169 3.09 -12.30 50.57
C THR A 169 1.67 -12.86 50.59
N GLY A 170 0.93 -12.63 49.50
CA GLY A 170 -0.45 -13.09 49.41
C GLY A 170 -0.65 -14.19 48.36
N PRO A 171 -1.92 -14.51 48.06
CA PRO A 171 -2.23 -15.51 47.03
C PRO A 171 -1.59 -15.07 45.74
N SER A 172 -0.69 -15.88 45.19
CA SER A 172 0.14 -15.46 44.08
CA SER A 172 0.11 -15.41 44.06
C SER A 172 -0.11 -16.20 42.77
N GLY A 173 -1.29 -16.79 42.60
CA GLY A 173 -1.60 -17.46 41.36
C GLY A 173 -0.64 -18.59 41.05
N TRP A 174 -0.18 -18.65 39.79
CA TRP A 174 0.63 -19.76 39.35
C TRP A 174 2.05 -19.71 39.92
N LEU A 175 2.37 -18.70 40.72
CA LEU A 175 3.63 -18.68 41.45
C LEU A 175 3.57 -19.52 42.73
N SER A 176 2.39 -20.04 43.08
CA SER A 176 2.22 -20.81 44.31
CA SER A 176 2.18 -20.78 44.32
C SER A 176 1.78 -22.23 44.04
N THR A 177 2.45 -23.18 44.68
CA THR A 177 2.06 -24.57 44.52
C THR A 177 0.69 -24.85 45.10
N ARG A 178 0.17 -23.98 45.96
CA ARG A 178 -1.19 -24.17 46.44
C ARG A 178 -2.17 -24.21 45.25
N THR A 179 -1.88 -23.39 44.24
CA THR A 179 -2.74 -23.31 43.06
C THR A 179 -2.68 -24.61 42.26
N VAL A 180 -1.51 -25.22 42.24
CA VAL A 180 -1.31 -26.50 41.56
C VAL A 180 -2.18 -27.56 42.25
N TYR A 181 -2.07 -27.64 43.57
CA TYR A 181 -2.85 -28.60 44.35
C TYR A 181 -4.35 -28.37 44.11
N GLU A 182 -4.80 -27.12 44.21
CA GLU A 182 -6.24 -26.86 44.11
C GLU A 182 -6.78 -27.06 42.68
N PHE A 183 -5.96 -26.81 41.67
CA PHE A 183 -6.38 -27.03 40.28
C PHE A 183 -6.65 -28.52 40.00
N ALA A 184 -5.77 -29.39 40.48
CA ALA A 184 -5.92 -30.84 40.33
C ALA A 184 -7.24 -31.31 40.99
N ARG A 185 -7.50 -30.85 42.21
CA ARG A 185 -8.73 -31.21 42.92
C ARG A 185 -10.00 -30.65 42.25
N PHE A 186 -9.91 -29.43 41.74
CA PHE A 186 -11.01 -28.82 41.03
C PHE A 186 -11.33 -29.61 39.76
N SER A 187 -10.30 -29.97 39.01
CA SER A 187 -10.49 -30.70 37.74
C SER A 187 -11.11 -32.06 38.01
N ALA A 188 -10.63 -32.77 39.03
CA ALA A 188 -11.18 -34.08 39.38
C ALA A 188 -12.65 -33.91 39.77
N TYR A 189 -12.91 -32.88 40.59
CA TYR A 189 -14.28 -32.62 41.04
C TYR A 189 -15.24 -32.36 39.89
N ILE A 190 -14.81 -31.57 38.91
CA ILE A 190 -15.68 -31.25 37.79
C ILE A 190 -15.97 -32.49 36.93
N ALA A 191 -14.95 -33.29 36.67
CA ALA A 191 -15.15 -34.54 35.94
C ALA A 191 -16.09 -35.49 36.70
N TRP A 192 -15.94 -35.55 38.01
CA TRP A 192 -16.81 -36.38 38.87
C TRP A 192 -18.28 -35.95 38.73
N LYS A 193 -18.49 -34.64 38.70
CA LYS A 193 -19.84 -34.08 38.60
C LYS A 193 -20.44 -34.13 37.17
N PHE A 194 -19.60 -33.98 36.13
CA PHE A 194 -20.11 -33.76 34.78
C PHE A 194 -19.78 -34.85 33.74
N ASP A 195 -19.12 -35.91 34.16
CA ASP A 195 -18.62 -36.91 33.21
C ASP A 195 -19.72 -37.46 32.31
N ASP A 196 -20.95 -37.54 32.82
CA ASP A 196 -22.05 -38.07 32.03
C ASP A 196 -22.38 -37.20 30.81
N LEU A 197 -22.04 -35.91 30.87
CA LEU A 197 -22.30 -35.00 29.74
C LEU A 197 -21.09 -34.82 28.79
N VAL A 198 -19.90 -35.03 29.32
CA VAL A 198 -18.66 -34.71 28.59
C VAL A 198 -18.22 -35.80 27.63
N ASP A 199 -17.73 -35.42 26.44
CA ASP A 199 -17.16 -36.39 25.53
C ASP A 199 -15.64 -36.45 25.66
N GLU A 200 -14.99 -35.29 25.70
CA GLU A 200 -13.55 -35.22 25.93
C GLU A 200 -13.22 -34.03 26.86
N TYR A 201 -12.10 -34.12 27.56
CA TYR A 201 -11.63 -33.06 28.44
C TYR A 201 -10.39 -32.35 27.94
N SER A 202 -10.31 -31.05 28.24
CA SER A 202 -9.05 -30.31 28.20
C SER A 202 -8.79 -29.77 29.61
N THR A 203 -7.56 -29.85 30.07
CA THR A 203 -7.23 -29.28 31.39
C THR A 203 -7.20 -27.76 31.30
N MET A 204 -6.53 -27.22 30.28
CA MET A 204 -6.28 -25.78 30.21
C MET A 204 -6.29 -25.25 28.79
N ASN A 205 -6.49 -23.93 28.69
CA ASN A 205 -6.40 -23.19 27.45
C ASN A 205 -5.24 -22.20 27.48
N GLU A 206 -4.33 -22.36 26.51
CA GLU A 206 -3.23 -21.42 26.27
CA GLU A 206 -3.23 -21.43 26.26
C GLU A 206 -2.45 -21.09 27.54
N PRO A 207 -1.92 -22.12 28.21
CA PRO A 207 -1.16 -21.84 29.44
C PRO A 207 0.10 -20.99 29.14
N ASN A 208 0.59 -21.05 27.91
CA ASN A 208 1.78 -20.29 27.55
C ASN A 208 1.52 -18.79 27.55
N VAL A 209 0.25 -18.41 27.40
CA VAL A 209 -0.13 -17.00 27.49
C VAL A 209 0.00 -16.50 28.92
N VAL A 210 -0.30 -17.36 29.89
CA VAL A 210 -0.19 -17.00 31.30
C VAL A 210 1.24 -16.64 31.64
N GLY A 211 2.15 -17.55 31.35
CA GLY A 211 3.57 -17.29 31.50
C GLY A 211 4.13 -16.15 30.67
N GLY A 212 3.78 -16.11 29.39
CA GLY A 212 4.37 -15.18 28.46
C GLY A 212 3.84 -13.77 28.59
N LEU A 213 2.52 -13.59 28.60
CA LEU A 213 1.97 -12.23 28.70
C LEU A 213 1.94 -11.76 30.15
N GLY A 214 1.71 -12.68 31.08
CA GLY A 214 1.58 -12.32 32.49
C GLY A 214 2.84 -11.75 33.11
N TYR A 215 4.00 -12.22 32.66
CA TYR A 215 5.25 -11.97 33.35
C TYR A 215 6.37 -11.48 32.43
N VAL A 216 6.09 -11.38 31.13
CA VAL A 216 7.06 -10.83 30.18
C VAL A 216 6.41 -9.78 29.28
N GLY A 217 5.35 -10.17 28.56
CA GLY A 217 4.70 -9.23 27.65
C GLY A 217 3.73 -8.32 28.39
N VAL A 218 4.27 -7.59 29.37
CA VAL A 218 3.46 -6.87 30.33
C VAL A 218 2.75 -5.62 29.80
N LYS A 219 3.04 -5.20 28.57
CA LYS A 219 2.28 -4.11 27.99
C LYS A 219 0.91 -4.61 27.52
N SER A 220 0.74 -5.93 27.45
CA SER A 220 -0.47 -6.54 26.92
C SER A 220 -1.70 -6.40 27.83
N GLY A 221 -1.47 -6.12 29.10
CA GLY A 221 -2.56 -6.01 30.04
C GLY A 221 -3.11 -7.36 30.49
N PHE A 222 -2.26 -8.39 30.45
CA PHE A 222 -2.60 -9.70 31.02
C PHE A 222 -2.14 -9.78 32.48
N PRO A 223 -3.01 -10.22 33.40
CA PRO A 223 -2.59 -10.26 34.81
C PRO A 223 -1.49 -11.28 35.10
N PRO A 224 -0.61 -11.00 36.08
CA PRO A 224 -0.58 -9.82 36.97
C PRO A 224 0.34 -8.68 36.49
N GLY A 225 0.88 -8.80 35.28
CA GLY A 225 1.69 -7.74 34.72
C GLY A 225 2.92 -7.42 35.55
N TYR A 226 3.59 -8.46 36.04
CA TYR A 226 4.82 -8.28 36.82
C TYR A 226 5.98 -8.79 35.97
N LEU A 227 6.83 -7.87 35.54
CA LEU A 227 7.91 -8.18 34.59
C LEU A 227 9.02 -8.95 35.28
N SER A 228 9.17 -10.22 34.91
CA SER A 228 10.19 -11.10 35.51
C SER A 228 10.41 -12.38 34.71
N PHE A 229 11.57 -12.52 34.08
CA PHE A 229 11.89 -13.77 33.40
C PHE A 229 11.83 -14.95 34.38
N GLU A 230 12.40 -14.75 35.57
CA GLU A 230 12.45 -15.80 36.60
C GLU A 230 11.05 -16.26 37.01
N LEU A 231 10.16 -15.32 37.31
CA LEU A 231 8.81 -15.72 37.71
C LEU A 231 7.98 -16.28 36.54
N SER A 232 8.24 -15.84 35.31
CA SER A 232 7.59 -16.43 34.14
C SER A 232 7.91 -17.93 34.09
N ARG A 233 9.16 -18.27 34.30
CA ARG A 233 9.61 -19.66 34.38
C ARG A 233 8.95 -20.43 35.53
N ARG A 234 8.85 -19.81 36.70
CA ARG A 234 8.22 -20.46 37.84
C ARG A 234 6.75 -20.75 37.55
N ALA A 235 6.05 -19.77 36.98
CA ALA A 235 4.64 -19.94 36.61
C ALA A 235 4.44 -21.11 35.65
N MET A 236 5.30 -21.18 34.65
CA MET A 236 5.17 -22.21 33.63
C MET A 236 5.50 -23.56 34.24
N TYR A 237 6.51 -23.61 35.11
CA TYR A 237 6.84 -24.87 35.80
C TYR A 237 5.64 -25.40 36.58
N ASN A 238 5.02 -24.49 37.34
CA ASN A 238 3.85 -24.86 38.13
C ASN A 238 2.66 -25.27 37.26
N ILE A 239 2.46 -24.56 36.15
CA ILE A 239 1.38 -24.86 35.23
CA ILE A 239 1.39 -24.86 35.21
C ILE A 239 1.56 -26.25 34.60
N ILE A 240 2.79 -26.59 34.26
CA ILE A 240 3.09 -27.93 33.77
C ILE A 240 2.74 -29.01 34.80
N GLN A 241 3.14 -28.80 36.05
CA GLN A 241 2.83 -29.78 37.10
C GLN A 241 1.31 -29.85 37.30
N ALA A 242 0.66 -28.69 37.29
CA ALA A 242 -0.80 -28.62 37.44
C ALA A 242 -1.52 -29.38 36.36
N HIS A 243 -1.02 -29.29 35.12
CA HIS A 243 -1.61 -30.08 34.07
C HIS A 243 -1.53 -31.58 34.37
N ALA A 244 -0.37 -32.07 34.78
CA ALA A 244 -0.17 -33.49 35.04
C ALA A 244 -1.04 -33.97 36.19
N ARG A 245 -1.15 -33.16 37.23
CA ARG A 245 -1.91 -33.55 38.41
C ARG A 245 -3.41 -33.52 38.09
N ALA A 246 -3.83 -32.59 37.24
CA ALA A 246 -5.23 -32.53 36.81
C ALA A 246 -5.55 -33.71 35.88
N TYR A 247 -4.61 -34.07 35.01
CA TYR A 247 -4.78 -35.25 34.15
C TYR A 247 -5.00 -36.49 35.01
N ASP A 248 -4.13 -36.73 35.97
CA ASP A 248 -4.27 -37.85 36.88
C ASP A 248 -5.57 -37.78 37.67
N GLY A 249 -5.98 -36.56 38.05
CA GLY A 249 -7.17 -36.34 38.83
C GLY A 249 -8.41 -36.70 38.04
N ILE A 250 -8.48 -36.22 36.80
CA ILE A 250 -9.60 -36.57 35.93
C ILE A 250 -9.61 -38.07 35.68
N LYS A 251 -8.45 -38.67 35.45
CA LYS A 251 -8.39 -40.11 35.16
C LYS A 251 -8.80 -40.97 36.35
N SER A 252 -8.79 -40.40 37.55
CA SER A 252 -9.17 -41.17 38.73
C SER A 252 -10.70 -41.33 38.79
N VAL A 253 -11.42 -40.50 38.03
CA VAL A 253 -12.90 -40.55 38.03
C VAL A 253 -13.51 -40.76 36.64
N SER A 254 -12.69 -40.74 35.59
CA SER A 254 -13.21 -40.86 34.23
C SER A 254 -12.24 -41.65 33.35
N LYS A 255 -12.76 -42.30 32.32
CA LYS A 255 -11.91 -42.98 31.32
C LYS A 255 -11.85 -42.21 30.00
N LYS A 256 -12.45 -41.03 29.96
CA LYS A 256 -12.50 -40.28 28.69
C LYS A 256 -11.19 -39.55 28.42
N PRO A 257 -10.96 -39.16 27.16
CA PRO A 257 -9.70 -38.54 26.75
C PRO A 257 -9.45 -37.20 27.43
N VAL A 258 -8.19 -36.93 27.80
CA VAL A 258 -7.82 -35.67 28.43
C VAL A 258 -6.63 -35.09 27.66
N GLY A 259 -6.82 -33.88 27.16
CA GLY A 259 -5.80 -33.18 26.38
C GLY A 259 -5.53 -31.82 26.98
N ILE A 260 -4.94 -30.95 26.17
CA ILE A 260 -4.66 -29.58 26.57
C ILE A 260 -4.72 -28.73 25.29
N ILE A 261 -5.00 -27.44 25.46
CA ILE A 261 -5.12 -26.47 24.37
C ILE A 261 -4.03 -25.41 24.50
N TYR A 262 -3.35 -25.10 23.40
CA TYR A 262 -2.14 -24.30 23.44
C TYR A 262 -2.19 -23.21 22.36
N ALA A 263 -1.60 -22.06 22.66
CA ALA A 263 -1.54 -20.98 21.69
C ALA A 263 -0.33 -21.17 20.77
N ASN A 264 -0.58 -21.40 19.50
CA ASN A 264 0.51 -21.64 18.55
C ASN A 264 0.69 -20.53 17.54
N SER A 265 1.95 -20.42 17.10
CA SER A 265 2.28 -19.66 15.93
CA SER A 265 2.31 -19.63 15.94
C SER A 265 3.02 -20.55 14.96
N SER A 266 2.96 -20.21 13.68
CA SER A 266 3.78 -20.93 12.71
C SER A 266 5.05 -20.10 12.51
N PHE A 267 6.19 -20.66 12.90
CA PHE A 267 7.45 -19.95 12.77
C PHE A 267 8.03 -20.07 11.37
N GLN A 268 8.25 -18.93 10.74
CA GLN A 268 8.64 -18.87 9.34
C GLN A 268 9.95 -18.11 9.20
N PRO A 269 10.82 -18.60 8.30
CA PRO A 269 12.14 -17.99 8.11
C PRO A 269 12.07 -16.72 7.27
N LEU A 270 12.74 -15.66 7.71
CA LEU A 270 12.80 -14.43 6.92
C LEU A 270 13.47 -14.73 5.57
N THR A 271 14.55 -15.49 5.59
CA THR A 271 15.22 -15.93 4.37
C THR A 271 15.56 -17.42 4.44
N ASP A 272 16.04 -17.94 3.31
CA ASP A 272 16.42 -19.33 3.18
C ASP A 272 17.57 -19.73 4.12
N LYS A 273 18.24 -18.76 4.73
CA LYS A 273 19.33 -19.08 5.69
C LYS A 273 18.86 -19.08 7.15
N ASP A 274 17.57 -18.91 7.37
CA ASP A 274 17.04 -18.78 8.73
C ASP A 274 16.27 -20.01 9.21
N MET A 275 16.46 -21.15 8.55
CA MET A 275 15.74 -22.36 8.98
C MET A 275 16.14 -22.85 10.38
N GLU A 276 17.38 -22.59 10.78
CA GLU A 276 17.82 -22.97 12.13
C GLU A 276 17.14 -22.09 13.16
N ALA A 277 16.88 -20.83 12.82
CA ALA A 277 16.20 -19.91 13.71
C ALA A 277 14.77 -20.37 13.93
N VAL A 278 14.15 -20.91 12.90
CA VAL A 278 12.82 -21.52 13.04
C VAL A 278 12.84 -22.68 14.03
N GLU A 279 13.83 -23.56 13.91
CA GLU A 279 13.91 -24.69 14.83
C GLU A 279 14.08 -24.25 16.27
N MET A 280 14.93 -23.24 16.49
CA MET A 280 15.14 -22.73 17.83
C MET A 280 13.86 -22.10 18.40
N ALA A 281 13.13 -21.38 17.55
CA ALA A 281 11.90 -20.75 17.99
C ALA A 281 10.83 -21.81 18.35
N GLU A 282 10.77 -22.90 17.58
CA GLU A 282 9.83 -23.96 17.87
C GLU A 282 10.20 -24.63 19.18
N ASN A 283 11.50 -24.89 19.37
CA ASN A 283 12.00 -25.38 20.65
C ASN A 283 11.60 -24.50 21.83
N ASP A 284 11.82 -23.20 21.69
CA ASP A 284 11.65 -22.25 22.79
C ASP A 284 10.19 -21.90 23.05
N ASN A 285 9.32 -22.11 22.07
CA ASN A 285 7.91 -21.72 22.20
C ASN A 285 6.88 -22.87 22.27
N ARG A 286 7.32 -24.06 21.88
CA ARG A 286 6.39 -25.17 21.68
C ARG A 286 6.94 -26.47 22.26
N TRP A 287 8.10 -26.92 21.80
CA TRP A 287 8.54 -28.27 22.14
C TRP A 287 8.93 -28.45 23.60
N TRP A 288 9.49 -27.41 24.22
CA TRP A 288 9.88 -27.53 25.62
C TRP A 288 8.67 -27.91 26.48
N PHE A 289 7.54 -27.29 26.20
CA PHE A 289 6.31 -27.50 26.99
C PHE A 289 5.75 -28.89 26.76
N PHE A 290 5.59 -29.26 25.50
CA PHE A 290 4.99 -30.55 25.19
C PHE A 290 5.92 -31.71 25.50
N ASP A 291 7.23 -31.52 25.36
CA ASP A 291 8.17 -32.57 25.75
C ASP A 291 8.05 -32.82 27.26
N ALA A 292 7.73 -31.78 28.01
CA ALA A 292 7.57 -31.94 29.47
C ALA A 292 6.32 -32.78 29.80
N ILE A 293 5.17 -32.44 29.21
CA ILE A 293 3.95 -33.18 29.58
C ILE A 293 3.73 -34.49 28.81
N ILE A 294 4.46 -34.70 27.72
CA ILE A 294 4.35 -35.96 26.99
C ILE A 294 5.53 -36.85 27.32
N ARG A 295 6.73 -36.30 27.30
CA ARG A 295 7.94 -37.10 27.51
C ARG A 295 8.50 -37.01 28.92
N GLY A 296 7.96 -36.09 29.72
CA GLY A 296 8.39 -35.96 31.10
C GLY A 296 9.70 -35.21 31.23
N GLU A 297 10.16 -34.62 30.13
CA GLU A 297 11.46 -33.98 30.11
C GLU A 297 11.40 -32.55 30.62
N ILE A 298 12.21 -32.24 31.63
CA ILE A 298 12.34 -30.86 32.11
C ILE A 298 13.78 -30.57 32.47
N THR A 299 14.08 -29.28 32.62
CA THR A 299 15.41 -28.85 33.05
C THR A 299 15.40 -28.49 34.53
N LYS A 304 18.58 -31.20 33.01
CA LYS A 304 17.89 -31.99 32.00
C LYS A 304 17.55 -33.39 32.52
N ILE A 305 16.32 -33.57 33.02
CA ILE A 305 15.90 -34.81 33.65
C ILE A 305 14.56 -35.31 33.12
N VAL A 306 14.17 -36.52 33.52
CA VAL A 306 12.85 -37.04 33.19
C VAL A 306 12.08 -37.30 34.48
N ARG A 307 10.94 -36.64 34.64
CA ARG A 307 10.06 -36.89 35.77
C ARG A 307 8.98 -37.91 35.38
N ASP A 308 8.99 -39.06 36.04
CA ASP A 308 7.99 -40.10 35.74
C ASP A 308 6.55 -39.70 36.11
N ASP A 309 6.40 -38.71 36.98
CA ASP A 309 5.05 -38.20 37.30
C ASP A 309 4.49 -37.23 36.26
N LEU A 310 5.33 -36.79 35.30
CA LEU A 310 4.88 -35.91 34.23
C LEU A 310 4.72 -36.67 32.91
N LYS A 311 5.55 -37.68 32.70
CA LYS A 311 5.55 -38.44 31.45
C LYS A 311 4.19 -39.06 31.14
N GLY A 312 3.75 -38.91 29.89
CA GLY A 312 2.58 -39.62 29.38
C GLY A 312 1.22 -39.02 29.73
N ARG A 313 1.23 -37.79 30.23
CA ARG A 313 0.01 -37.14 30.71
C ARG A 313 -0.69 -36.33 29.61
N LEU A 314 -0.91 -36.96 28.46
CA LEU A 314 -1.66 -36.30 27.39
C LEU A 314 -2.23 -37.29 26.39
N ASP A 315 -3.51 -37.11 26.06
CA ASP A 315 -4.21 -37.95 25.11
C ASP A 315 -4.42 -37.30 23.74
N TRP A 316 -4.50 -35.96 23.70
CA TRP A 316 -4.76 -35.24 22.43
C TRP A 316 -4.32 -33.79 22.56
N ILE A 317 -4.12 -33.12 21.43
CA ILE A 317 -3.58 -31.76 21.42
C ILE A 317 -4.57 -30.83 20.74
N GLY A 318 -4.92 -29.76 21.43
CA GLY A 318 -5.75 -28.71 20.87
C GLY A 318 -4.88 -27.59 20.29
N VAL A 319 -4.97 -27.40 18.99
CA VAL A 319 -4.23 -26.36 18.28
C VAL A 319 -5.06 -25.07 18.19
N ASN A 320 -4.54 -23.99 18.77
CA ASN A 320 -5.11 -22.66 18.58
C ASN A 320 -4.16 -21.93 17.63
N TYR A 321 -4.68 -21.51 16.49
CA TYR A 321 -3.83 -20.90 15.48
C TYR A 321 -4.52 -19.67 14.88
N TYR A 322 -3.77 -18.56 14.81
CA TYR A 322 -4.24 -17.32 14.17
C TYR A 322 -3.34 -16.78 13.06
N THR A 323 -2.03 -16.83 13.26
CA THR A 323 -1.11 -16.25 12.30
C THR A 323 0.31 -16.77 12.54
N ARG A 324 1.25 -16.31 11.71
CA ARG A 324 2.63 -16.75 11.77
C ARG A 324 3.49 -15.84 12.65
N THR A 325 4.75 -16.24 12.81
CA THR A 325 5.78 -15.38 13.34
C THR A 325 7.02 -15.56 12.47
N VAL A 326 7.52 -14.45 11.94
CA VAL A 326 8.72 -14.47 11.09
C VAL A 326 9.94 -14.26 11.97
N VAL A 327 10.94 -15.13 11.80
CA VAL A 327 12.18 -15.02 12.57
C VAL A 327 13.43 -15.03 11.70
N LYS A 328 14.47 -14.41 12.23
CA LYS A 328 15.79 -14.49 11.60
C LYS A 328 16.86 -14.84 12.62
N ARG A 329 17.95 -15.42 12.13
CA ARG A 329 19.07 -15.78 12.98
C ARG A 329 19.80 -14.53 13.43
N THR A 330 20.35 -14.57 14.64
CA THR A 330 21.14 -13.47 15.14
C THR A 330 22.46 -14.01 15.69
N GLU A 331 23.34 -13.11 16.09
CA GLU A 331 24.64 -13.50 16.62
C GLU A 331 24.45 -14.59 17.67
N LYS A 332 23.65 -14.30 18.69
CA LYS A 332 23.30 -15.28 19.71
C LYS A 332 21.82 -15.65 19.65
N GLY A 333 21.45 -16.54 18.72
CA GLY A 333 20.13 -17.12 18.69
C GLY A 333 19.28 -16.65 17.53
N TYR A 334 18.08 -16.18 17.84
CA TYR A 334 17.15 -15.70 16.82
C TYR A 334 16.34 -14.53 17.35
N VAL A 335 15.65 -13.83 16.46
CA VAL A 335 14.72 -12.79 16.88
C VAL A 335 13.47 -12.80 15.99
N SER A 336 12.33 -12.43 16.56
CA SER A 336 11.11 -12.28 15.79
CA SER A 336 11.11 -12.28 15.79
C SER A 336 11.07 -10.91 15.14
N LEU A 337 10.45 -10.82 13.97
CA LEU A 337 10.38 -9.55 13.27
C LEU A 337 9.03 -8.83 13.35
N GLY A 338 9.09 -7.53 13.60
CA GLY A 338 7.91 -6.69 13.46
C GLY A 338 7.49 -6.58 12.00
N GLY A 339 6.21 -6.25 11.79
CA GLY A 339 5.69 -6.07 10.45
C GLY A 339 5.24 -7.35 9.76
N TYR A 340 5.25 -8.46 10.50
CA TYR A 340 4.64 -9.72 10.06
C TYR A 340 3.86 -10.32 11.20
N GLY A 341 3.08 -11.36 10.92
CA GLY A 341 2.49 -12.16 11.98
C GLY A 341 1.56 -11.35 12.86
N HIS A 342 1.75 -11.42 14.17
CA HIS A 342 0.88 -10.66 15.05
C HIS A 342 1.46 -9.30 15.38
N GLY A 343 2.57 -8.92 14.74
CA GLY A 343 3.20 -7.63 14.98
C GLY A 343 2.99 -6.60 13.86
N CYS A 344 1.82 -6.59 13.25
CA CYS A 344 1.55 -5.65 12.15
C CYS A 344 0.67 -4.50 12.56
N GLU A 345 0.60 -3.48 11.70
CA GLU A 345 -0.38 -2.42 11.87
C GLU A 345 -1.77 -3.04 11.70
N ARG A 346 -2.77 -2.44 12.36
CA ARG A 346 -4.15 -2.88 12.22
C ARG A 346 -4.73 -2.38 10.89
N ASN A 347 -5.55 -3.22 10.28
CA ASN A 347 -6.25 -2.85 9.05
C ASN A 347 -5.29 -2.27 8.04
N SER A 348 -4.29 -3.05 7.71
CA SER A 348 -3.23 -2.60 6.82
C SER A 348 -2.72 -3.80 6.03
N VAL A 349 -1.46 -3.76 5.63
CA VAL A 349 -0.83 -4.93 5.02
C VAL A 349 0.49 -5.10 5.73
N SER A 350 0.93 -6.36 5.81
CA SER A 350 2.24 -6.68 6.35
C SER A 350 3.35 -6.30 5.39
N LEU A 351 4.58 -6.48 5.85
CA LEU A 351 5.77 -6.29 5.02
C LEU A 351 5.82 -7.28 3.87
N ALA A 352 5.02 -8.35 3.95
CA ALA A 352 4.92 -9.30 2.85
C ALA A 352 3.75 -9.01 1.88
N GLY A 353 3.04 -7.92 2.11
CA GLY A 353 1.91 -7.52 1.26
C GLY A 353 0.61 -8.23 1.58
N LEU A 354 0.56 -8.94 2.70
CA LEU A 354 -0.64 -9.68 3.09
C LEU A 354 -1.54 -8.86 4.02
N PRO A 355 -2.86 -9.00 3.85
CA PRO A 355 -3.70 -8.12 4.66
C PRO A 355 -3.71 -8.49 6.15
N THR A 356 -3.92 -7.47 6.98
CA THR A 356 -3.96 -7.65 8.42
C THR A 356 -5.35 -7.36 8.96
N SER A 357 -5.65 -7.98 10.10
CA SER A 357 -6.97 -7.90 10.70
C SER A 357 -7.16 -6.62 11.53
N ASP A 358 -8.33 -6.49 12.15
CA ASP A 358 -8.61 -5.41 13.09
C ASP A 358 -7.61 -5.37 14.26
N PHE A 359 -6.95 -6.51 14.52
CA PHE A 359 -5.98 -6.69 15.62
C PHE A 359 -4.54 -6.52 15.12
N GLY A 360 -4.36 -6.36 13.80
CA GLY A 360 -3.01 -6.26 13.26
C GLY A 360 -2.34 -7.63 13.05
N TRP A 361 -3.15 -8.66 12.82
CA TRP A 361 -2.64 -10.01 12.61
C TRP A 361 -2.70 -10.37 11.14
N GLU A 362 -1.58 -10.87 10.64
CA GLU A 362 -1.41 -11.15 9.20
C GLU A 362 -2.14 -12.41 8.74
N PHE A 363 -2.71 -12.33 7.54
CA PHE A 363 -3.39 -13.44 6.91
C PHE A 363 -2.37 -14.50 6.46
N PHE A 364 -2.36 -15.66 7.11
CA PHE A 364 -1.38 -16.69 6.79
C PHE A 364 -1.87 -18.11 7.02
N PRO A 365 -2.80 -18.58 6.17
CA PRO A 365 -3.38 -19.89 6.43
C PRO A 365 -2.42 -21.09 6.34
N GLU A 366 -1.37 -21.00 5.52
CA GLU A 366 -0.41 -22.10 5.40
C GLU A 366 0.22 -22.49 6.74
N GLY A 367 0.28 -21.54 7.66
CA GLY A 367 0.80 -21.81 8.98
C GLY A 367 0.05 -22.87 9.76
N LEU A 368 -1.25 -23.01 9.49
CA LEU A 368 -2.04 -24.02 10.18
C LEU A 368 -1.61 -25.43 9.74
N TYR A 369 -1.36 -25.61 8.46
CA TYR A 369 -0.81 -26.86 7.95
C TYR A 369 0.54 -27.18 8.62
N ASP A 370 1.40 -26.18 8.68
CA ASP A 370 2.71 -26.30 9.28
C ASP A 370 2.60 -26.78 10.74
N VAL A 371 1.79 -26.09 11.53
CA VAL A 371 1.66 -26.45 12.93
C VAL A 371 1.07 -27.84 13.15
N LEU A 372 0.00 -28.15 12.42
CA LEU A 372 -0.66 -29.46 12.55
C LEU A 372 0.29 -30.60 12.20
N THR A 373 0.99 -30.47 11.07
CA THR A 373 1.90 -31.53 10.64
C THR A 373 3.14 -31.63 11.52
N LYS A 374 3.65 -30.51 12.03
CA LYS A 374 4.78 -30.58 12.96
C LYS A 374 4.40 -31.33 14.24
N TYR A 375 3.24 -31.01 14.80
CA TYR A 375 2.80 -31.74 16.00
C TYR A 375 2.63 -33.23 15.70
N TRP A 376 2.02 -33.54 14.58
CA TRP A 376 1.75 -34.95 14.24
C TRP A 376 3.02 -35.77 14.11
N ASN A 377 4.01 -35.22 13.42
CA ASN A 377 5.23 -35.96 13.15
C ASN A 377 6.08 -36.14 14.41
N ARG A 378 5.98 -35.20 15.35
CA ARG A 378 6.78 -35.30 16.56
C ARG A 378 6.14 -36.28 17.57
N TYR A 379 4.83 -36.17 17.80
CA TYR A 379 4.19 -36.92 18.89
C TYR A 379 3.16 -37.97 18.47
N HIS A 380 2.61 -37.84 17.26
CA HIS A 380 1.55 -38.73 16.81
C HIS A 380 0.36 -38.85 17.76
N LEU A 381 -0.01 -37.74 18.38
CA LEU A 381 -1.28 -37.64 19.10
C LEU A 381 -2.31 -36.94 18.23
N TYR A 382 -3.54 -37.45 18.26
CA TYR A 382 -4.58 -36.77 17.49
C TYR A 382 -4.87 -35.37 18.01
N MET A 383 -5.47 -34.58 17.13
CA MET A 383 -5.64 -33.16 17.38
C MET A 383 -7.05 -32.67 17.01
N TYR A 384 -7.45 -31.57 17.64
CA TYR A 384 -8.54 -30.74 17.14
C TYR A 384 -7.93 -29.39 16.87
N VAL A 385 -8.41 -28.68 15.85
CA VAL A 385 -8.14 -27.25 15.79
C VAL A 385 -9.16 -26.62 16.74
N THR A 386 -8.71 -26.22 17.93
CA THR A 386 -9.60 -25.72 18.97
C THR A 386 -9.87 -24.21 18.91
N GLU A 387 -9.04 -23.48 18.18
CA GLU A 387 -9.28 -22.06 17.88
C GLU A 387 -8.66 -21.69 16.54
N ASN A 388 -9.45 -20.93 15.78
CA ASN A 388 -8.99 -20.24 14.58
C ASN A 388 -10.02 -19.20 14.25
N GLY A 389 -9.58 -17.97 13.97
CA GLY A 389 -10.53 -16.91 13.72
C GLY A 389 -9.85 -15.57 13.50
N ILE A 390 -10.65 -14.54 13.35
CA ILE A 390 -10.10 -13.22 12.98
C ILE A 390 -10.93 -12.08 13.57
N ALA A 391 -10.25 -11.03 14.03
CA ALA A 391 -10.93 -9.81 14.48
C ALA A 391 -11.35 -9.03 13.23
N ASP A 392 -12.66 -8.96 13.00
CA ASP A 392 -13.18 -8.45 11.73
C ASP A 392 -14.64 -8.15 11.90
N ASP A 393 -14.95 -6.98 12.46
CA ASP A 393 -16.33 -6.60 12.67
C ASP A 393 -17.09 -6.49 11.34
N ALA A 394 -16.42 -5.96 10.32
CA ALA A 394 -17.04 -5.70 9.01
C ALA A 394 -17.33 -6.99 8.22
N ASP A 395 -16.62 -8.05 8.55
CA ASP A 395 -16.69 -9.33 7.84
C ASP A 395 -16.08 -9.29 6.45
N TYR A 396 -15.18 -8.35 6.20
CA TYR A 396 -14.52 -8.26 4.90
C TYR A 396 -13.62 -9.47 4.59
N GLN A 397 -12.77 -9.81 5.55
CA GLN A 397 -11.78 -10.87 5.40
C GLN A 397 -12.21 -12.27 5.86
N ARG A 398 -13.15 -12.32 6.82
CA ARG A 398 -13.47 -13.59 7.46
C ARG A 398 -13.95 -14.68 6.49
N PRO A 399 -14.72 -14.36 5.44
CA PRO A 399 -15.07 -15.49 4.55
C PRO A 399 -13.84 -16.21 3.94
N TYR A 400 -12.85 -15.43 3.53
CA TYR A 400 -11.59 -15.96 3.01
C TYR A 400 -10.77 -16.66 4.11
N TYR A 401 -10.69 -16.00 5.27
CA TYR A 401 -9.97 -16.55 6.41
C TYR A 401 -10.54 -17.93 6.79
N LEU A 402 -11.88 -18.03 6.89
CA LEU A 402 -12.53 -19.30 7.19
C LEU A 402 -12.24 -20.40 6.17
N VAL A 403 -12.50 -20.13 4.90
CA VAL A 403 -12.39 -21.19 3.90
C VAL A 403 -10.94 -21.62 3.72
N SER A 404 -10.04 -20.66 3.72
CA SER A 404 -8.60 -20.89 3.56
CA SER A 404 -8.63 -20.96 3.51
C SER A 404 -8.02 -21.76 4.66
N HIS A 405 -8.36 -21.47 5.90
CA HIS A 405 -7.84 -22.25 7.00
C HIS A 405 -8.47 -23.65 7.04
N VAL A 406 -9.75 -23.73 6.74
CA VAL A 406 -10.40 -25.02 6.66
C VAL A 406 -9.76 -25.88 5.57
N TYR A 407 -9.38 -25.27 4.44
CA TYR A 407 -8.70 -26.01 3.38
C TYR A 407 -7.34 -26.53 3.88
N GLN A 408 -6.65 -25.74 4.69
CA GLN A 408 -5.36 -26.19 5.20
C GLN A 408 -5.50 -27.39 6.14
N VAL A 409 -6.63 -27.49 6.85
CA VAL A 409 -6.88 -28.65 7.70
C VAL A 409 -7.08 -29.89 6.83
N HIS A 410 -7.84 -29.74 5.74
CA HIS A 410 -8.04 -30.81 4.74
C HIS A 410 -6.68 -31.31 4.23
N ARG A 411 -5.80 -30.36 3.91
CA ARG A 411 -4.44 -30.67 3.48
C ARG A 411 -3.71 -31.49 4.54
N ALA A 412 -3.84 -31.08 5.80
CA ALA A 412 -3.15 -31.77 6.89
C ALA A 412 -3.62 -33.21 6.99
N ILE A 413 -4.92 -33.39 6.90
CA ILE A 413 -5.48 -34.73 6.95
C ILE A 413 -4.97 -35.57 5.78
N ASN A 414 -4.97 -34.99 4.59
CA ASN A 414 -4.46 -35.67 3.41
C ASN A 414 -3.02 -36.14 3.56
N SER A 415 -2.23 -35.40 4.32
CA SER A 415 -0.83 -35.75 4.58
CA SER A 415 -0.84 -35.78 4.54
C SER A 415 -0.69 -36.84 5.65
N GLY A 416 -1.79 -37.16 6.32
CA GLY A 416 -1.77 -38.23 7.30
C GLY A 416 -2.00 -37.84 8.74
N ALA A 417 -2.08 -36.53 9.02
CA ALA A 417 -2.27 -36.08 10.40
C ALA A 417 -3.69 -36.41 10.87
N ASP A 418 -3.81 -36.92 12.10
CA ASP A 418 -5.10 -37.28 12.67
C ASP A 418 -5.73 -36.02 13.32
N VAL A 419 -6.51 -35.29 12.52
CA VAL A 419 -7.22 -34.10 12.99
C VAL A 419 -8.74 -34.35 12.95
N ARG A 420 -9.42 -34.20 14.08
CA ARG A 420 -10.79 -34.71 14.22
C ARG A 420 -11.87 -33.65 14.24
N GLY A 421 -11.49 -32.37 14.18
CA GLY A 421 -12.47 -31.33 14.08
C GLY A 421 -11.84 -29.96 14.00
N TYR A 422 -12.66 -28.99 13.65
CA TYR A 422 -12.26 -27.60 13.49
C TYR A 422 -13.27 -26.76 14.24
N LEU A 423 -12.78 -26.03 15.23
CA LEU A 423 -13.60 -25.19 16.09
C LEU A 423 -13.18 -23.72 15.93
N HIS A 424 -14.10 -22.96 15.38
CA HIS A 424 -13.83 -21.55 15.07
C HIS A 424 -13.89 -20.72 16.35
N TRP A 425 -13.02 -19.71 16.48
CA TRP A 425 -13.10 -18.72 17.54
C TRP A 425 -13.67 -17.46 16.90
N SER A 426 -14.94 -17.11 17.12
CA SER A 426 -15.88 -17.82 18.00
C SER A 426 -17.25 -17.78 17.36
N LEU A 427 -18.23 -18.39 18.02
CA LEU A 427 -19.58 -18.35 17.51
C LEU A 427 -20.07 -16.91 17.45
N ALA A 428 -19.88 -16.18 18.55
CA ALA A 428 -20.30 -14.78 18.67
C ALA A 428 -19.17 -13.93 19.21
N ASP A 429 -19.28 -12.63 18.97
CA ASP A 429 -18.39 -11.65 19.55
C ASP A 429 -18.37 -11.80 21.07
N ASN A 430 -17.23 -11.46 21.65
CA ASN A 430 -17.09 -11.59 23.09
C ASN A 430 -16.05 -10.61 23.67
N TYR A 431 -15.89 -10.62 24.99
CA TYR A 431 -14.93 -9.74 25.69
C TYR A 431 -13.51 -10.20 25.44
N GLU A 432 -12.73 -9.40 24.71
CA GLU A 432 -11.36 -9.78 24.36
C GLU A 432 -10.36 -9.19 25.37
N TRP A 433 -10.61 -9.47 26.66
CA TRP A 433 -9.70 -9.11 27.73
C TRP A 433 -9.29 -7.64 27.67
N ALA A 434 -7.99 -7.35 27.53
CA ALA A 434 -7.55 -5.96 27.62
C ALA A 434 -8.05 -5.06 26.45
N SER A 435 -8.40 -5.68 25.32
CA SER A 435 -8.99 -4.99 24.18
C SER A 435 -10.50 -4.73 24.34
N GLY A 436 -11.11 -5.28 25.39
CA GLY A 436 -12.54 -5.10 25.58
C GLY A 436 -13.36 -5.69 24.46
N PHE A 437 -14.45 -5.02 24.09
CA PHE A 437 -15.34 -5.54 23.09
C PHE A 437 -15.00 -5.13 21.67
N SER A 438 -13.98 -4.27 21.50
CA SER A 438 -13.67 -3.71 20.18
C SER A 438 -13.22 -4.75 19.15
N MET A 439 -12.64 -5.85 19.61
CA MET A 439 -12.13 -6.89 18.73
C MET A 439 -13.20 -7.97 18.60
N ARG A 440 -13.76 -8.05 17.40
CA ARG A 440 -14.94 -8.85 17.14
C ARG A 440 -14.61 -10.09 16.30
N PHE A 441 -14.54 -11.23 17.00
CA PHE A 441 -14.17 -12.52 16.39
C PHE A 441 -15.38 -13.39 15.99
N GLY A 442 -16.59 -12.93 16.22
CA GLY A 442 -17.77 -13.75 15.94
C GLY A 442 -18.11 -14.04 14.48
N LEU A 443 -18.57 -15.27 14.24
CA LEU A 443 -19.39 -15.55 13.07
C LEU A 443 -20.69 -14.75 13.19
N LEU A 444 -21.14 -14.59 14.43
CA LEU A 444 -22.30 -13.79 14.78
C LEU A 444 -21.87 -12.48 15.45
N LYS A 445 -22.42 -11.38 14.96
CA LYS A 445 -22.23 -10.06 15.53
C LYS A 445 -23.18 -9.85 16.69
N VAL A 446 -22.66 -9.33 17.79
CA VAL A 446 -23.45 -9.05 18.98
C VAL A 446 -23.73 -7.58 19.10
N ASP A 447 -25.00 -7.25 19.30
CA ASP A 447 -25.37 -5.91 19.72
C ASP A 447 -25.34 -5.93 21.23
N TYR A 448 -24.33 -5.30 21.82
CA TYR A 448 -24.20 -5.40 23.26
C TYR A 448 -25.23 -4.63 24.06
N ASN A 449 -26.03 -3.81 23.39
CA ASN A 449 -27.11 -3.13 24.09
CA ASN A 449 -27.13 -3.11 24.05
C ASN A 449 -28.36 -4.01 24.24
N THR A 450 -28.72 -4.75 23.20
CA THR A 450 -29.91 -5.59 23.23
C THR A 450 -29.60 -7.09 23.45
N LYS A 451 -28.32 -7.45 23.28
CA LYS A 451 -27.82 -8.83 23.32
C LYS A 451 -28.27 -9.67 22.13
N ARG A 452 -28.81 -9.02 21.11
CA ARG A 452 -29.17 -9.71 19.86
C ARG A 452 -27.95 -10.18 19.10
N LEU A 453 -28.13 -11.33 18.43
CA LEU A 453 -27.11 -11.93 17.59
C LEU A 453 -27.48 -11.79 16.13
N TYR A 454 -26.51 -11.43 15.29
CA TYR A 454 -26.76 -11.30 13.87
C TYR A 454 -25.79 -12.19 13.11
N TRP A 455 -26.24 -12.75 11.97
CA TRP A 455 -25.38 -13.57 11.16
C TRP A 455 -24.57 -12.72 10.17
N ARG A 456 -23.26 -12.66 10.38
CA ARG A 456 -22.37 -12.07 9.37
C ARG A 456 -22.37 -13.05 8.19
N PRO A 457 -22.08 -12.55 6.98
CA PRO A 457 -22.13 -13.49 5.85
C PRO A 457 -21.23 -14.72 6.00
N SER A 458 -20.14 -14.59 6.76
CA SER A 458 -19.26 -15.71 7.00
CA SER A 458 -19.25 -15.70 7.06
C SER A 458 -19.97 -16.85 7.75
N ALA A 459 -20.99 -16.51 8.54
CA ALA A 459 -21.76 -17.53 9.22
C ALA A 459 -22.56 -18.35 8.20
N LEU A 460 -23.07 -17.69 7.18
CA LEU A 460 -23.74 -18.43 6.09
C LEU A 460 -22.73 -19.30 5.32
N VAL A 461 -21.52 -18.79 5.12
CA VAL A 461 -20.48 -19.62 4.50
C VAL A 461 -20.17 -20.83 5.40
N TYR A 462 -20.07 -20.60 6.70
CA TYR A 462 -19.73 -21.70 7.62
C TYR A 462 -20.83 -22.75 7.60
N ARG A 463 -22.09 -22.30 7.51
CA ARG A 463 -23.19 -23.24 7.45
C ARG A 463 -23.08 -24.15 6.21
N GLU A 464 -22.69 -23.58 5.08
CA GLU A 464 -22.47 -24.38 3.89
CA GLU A 464 -22.45 -24.36 3.85
C GLU A 464 -21.39 -25.45 4.12
N ILE A 465 -20.29 -25.08 4.78
CA ILE A 465 -19.23 -26.04 5.07
C ILE A 465 -19.68 -27.12 6.04
N ALA A 466 -20.27 -26.70 7.15
CA ALA A 466 -20.61 -27.65 8.22
C ALA A 466 -21.71 -28.60 7.79
N THR A 467 -22.77 -28.08 7.15
CA THR A 467 -23.87 -28.94 6.71
C THR A 467 -23.46 -29.93 5.59
N ASN A 468 -22.52 -29.55 4.73
CA ASN A 468 -22.03 -30.45 3.69
C ASN A 468 -20.78 -31.28 4.10
N GLY A 469 -20.15 -30.94 5.23
CA GLY A 469 -18.92 -31.61 5.65
C GLY A 469 -17.83 -31.45 4.61
N ALA A 470 -17.79 -30.27 4.00
CA ALA A 470 -16.90 -30.00 2.86
C ALA A 470 -16.88 -28.52 2.50
N ILE A 471 -15.75 -28.09 1.97
CA ILE A 471 -15.73 -26.89 1.12
C ILE A 471 -16.33 -27.30 -0.23
N THR A 472 -17.54 -26.83 -0.51
CA THR A 472 -18.22 -27.17 -1.74
C THR A 472 -17.69 -26.35 -2.91
N ASP A 473 -17.92 -26.86 -4.12
CA ASP A 473 -17.45 -26.23 -5.34
C ASP A 473 -17.78 -24.75 -5.35
N GLU A 474 -18.99 -24.43 -4.93
CA GLU A 474 -19.52 -23.07 -5.05
C GLU A 474 -18.73 -22.04 -4.24
N ILE A 475 -18.02 -22.48 -3.20
CA ILE A 475 -17.29 -21.52 -2.34
C ILE A 475 -15.77 -21.71 -2.35
N GLU A 476 -15.26 -22.50 -3.30
CA GLU A 476 -13.81 -22.77 -3.39
C GLU A 476 -12.97 -21.53 -3.67
N HIS A 477 -13.58 -20.52 -4.25
CA HIS A 477 -12.85 -19.28 -4.59
C HIS A 477 -12.42 -18.50 -3.34
N LEU A 478 -13.05 -18.78 -2.21
CA LEU A 478 -12.70 -18.13 -0.95
C LEU A 478 -11.40 -18.71 -0.34
N ASN A 479 -10.91 -19.80 -0.92
CA ASN A 479 -9.60 -20.34 -0.56
C ASN A 479 -8.53 -19.49 -1.25
N SER A 480 -8.41 -18.26 -0.77
CA SER A 480 -7.58 -17.27 -1.42
C SER A 480 -7.37 -16.09 -0.47
N VAL A 481 -6.42 -15.22 -0.80
CA VAL A 481 -6.15 -14.05 0.04
C VAL A 481 -7.17 -12.95 -0.25
N PRO A 482 -7.76 -12.34 0.80
CA PRO A 482 -8.65 -11.19 0.54
C PRO A 482 -7.93 -10.18 -0.36
N PRO A 483 -8.58 -9.74 -1.43
CA PRO A 483 -7.98 -8.73 -2.29
C PRO A 483 -7.55 -7.51 -1.47
N VAL A 484 -6.29 -7.13 -1.66
CA VAL A 484 -5.71 -6.06 -0.87
CA VAL A 484 -5.69 -6.05 -0.89
C VAL A 484 -6.00 -4.67 -1.44
N LYS A 485 -6.18 -4.56 -2.77
CA LYS A 485 -6.40 -3.24 -3.35
C LYS A 485 -7.58 -2.43 -2.77
N PRO A 486 -8.73 -3.08 -2.52
CA PRO A 486 -9.86 -2.32 -1.93
C PRO A 486 -9.77 -2.11 -0.41
N LEU A 487 -8.80 -2.71 0.26
CA LEU A 487 -8.66 -2.59 1.72
C LEU A 487 -7.71 -1.47 2.08
N ARG A 488 -7.77 -1.02 3.33
CA ARG A 488 -6.81 -0.03 3.81
C ARG A 488 -5.36 -0.57 3.76
N HIS A 489 -4.42 0.29 3.37
CA HIS A 489 -3.00 0.02 3.53
C HIS A 489 -2.41 1.05 4.50
N MET B 1 29.48 15.98 -2.59
CA MET B 1 28.66 16.82 -3.51
C MET B 1 28.73 16.26 -4.94
N TYR B 2 27.80 16.69 -5.78
CA TYR B 2 27.80 16.39 -7.22
C TYR B 2 27.88 17.70 -7.97
N SER B 3 29.08 18.02 -8.45
CA SER B 3 29.38 19.32 -9.05
C SER B 3 29.22 19.25 -10.56
N PHE B 4 28.75 20.34 -11.16
CA PHE B 4 28.55 20.39 -12.60
C PHE B 4 29.64 21.26 -13.25
N PRO B 5 29.84 21.07 -14.55
CA PRO B 5 30.80 21.89 -15.28
C PRO B 5 30.46 23.36 -15.10
N ASN B 6 31.49 24.22 -15.07
CA ASN B 6 31.26 25.65 -14.86
C ASN B 6 30.37 26.32 -15.92
N SER B 7 30.30 25.76 -17.12
CA SER B 7 29.43 26.31 -18.17
C SER B 7 27.98 25.77 -18.13
N PHE B 8 27.75 24.75 -17.31
CA PHE B 8 26.42 24.11 -17.20
C PHE B 8 25.47 25.11 -16.54
N ARG B 9 24.25 25.23 -17.04
CA ARG B 9 23.31 26.21 -16.47
C ARG B 9 22.04 25.53 -15.99
N PHE B 10 21.60 25.93 -14.80
CA PHE B 10 20.31 25.51 -14.22
C PHE B 10 19.27 26.61 -14.49
N GLY B 11 18.05 26.20 -14.87
CA GLY B 11 17.01 27.18 -15.16
C GLY B 11 15.63 26.58 -15.21
N TRP B 12 14.78 27.16 -16.06
CA TRP B 12 13.41 26.69 -16.22
C TRP B 12 12.89 26.86 -17.64
N SER B 13 11.80 26.16 -17.91
CA SER B 13 11.03 26.29 -19.14
C SER B 13 9.59 26.66 -18.82
N GLN B 14 8.96 27.37 -19.76
CA GLN B 14 7.54 27.67 -19.65
C GLN B 14 6.97 27.97 -21.03
N ALA B 15 5.65 27.90 -21.13
CA ALA B 15 4.96 28.06 -22.42
C ALA B 15 4.12 29.31 -22.42
N GLY B 16 3.93 29.91 -23.59
CA GLY B 16 3.19 31.16 -23.66
C GLY B 16 1.71 30.99 -23.31
N PHE B 17 1.04 30.06 -23.97
CA PHE B 17 -0.37 29.82 -23.71
C PHE B 17 -0.65 29.44 -22.25
N GLN B 18 0.28 28.72 -21.61
CA GLN B 18 0.08 28.21 -20.27
C GLN B 18 0.39 29.19 -19.15
N SER B 19 1.22 30.19 -19.44
CA SER B 19 1.64 31.16 -18.42
C SER B 19 1.36 32.62 -18.70
N GLU B 20 1.19 33.03 -19.96
CA GLU B 20 1.12 34.47 -20.25
C GLU B 20 -0.13 35.15 -19.72
N MET B 21 -1.29 34.53 -19.87
CA MET B 21 -2.52 35.28 -19.62
C MET B 21 -2.85 35.38 -18.14
N GLY B 22 -3.71 36.35 -17.81
CA GLY B 22 -4.11 36.60 -16.45
C GLY B 22 -3.97 38.04 -15.99
N THR B 23 -3.33 38.88 -16.79
CA THR B 23 -3.15 40.30 -16.47
C THR B 23 -3.82 41.16 -17.56
N PRO B 24 -4.03 42.45 -17.28
CA PRO B 24 -4.73 43.33 -18.25
C PRO B 24 -4.10 43.36 -19.64
N GLY B 25 -4.93 43.26 -20.67
CA GLY B 25 -4.45 43.33 -22.02
C GLY B 25 -3.77 42.08 -22.53
N SER B 26 -3.77 41.00 -21.73
CA SER B 26 -3.01 39.80 -22.08
C SER B 26 -3.78 38.74 -22.84
N GLU B 27 -5.12 38.83 -22.84
CA GLU B 27 -5.89 37.73 -23.39
C GLU B 27 -5.65 37.54 -24.88
N ASP B 28 -5.44 36.30 -25.29
CA ASP B 28 -5.26 35.95 -26.70
C ASP B 28 -6.31 34.95 -27.14
N PRO B 29 -7.41 35.43 -27.73
CA PRO B 29 -8.52 34.55 -28.12
C PRO B 29 -8.31 33.90 -29.48
N ASN B 30 -7.17 34.12 -30.11
CA ASN B 30 -7.02 33.82 -31.54
C ASN B 30 -6.25 32.53 -31.85
N THR B 31 -6.41 31.52 -31.00
CA THR B 31 -5.78 30.22 -31.21
C THR B 31 -6.79 29.09 -31.24
N ASP B 32 -6.41 28.02 -31.92
CA ASP B 32 -7.13 26.78 -31.82
C ASP B 32 -7.25 26.32 -30.37
N GLY B 33 -6.17 26.44 -29.60
CA GLY B 33 -6.20 26.07 -28.18
C GLY B 33 -7.24 26.82 -27.36
N TYR B 34 -7.29 28.14 -27.54
CA TYR B 34 -8.28 28.97 -26.84
C TYR B 34 -9.69 28.51 -27.18
N LYS B 35 -9.97 28.32 -28.47
CA LYS B 35 -11.31 27.93 -28.90
C LYS B 35 -11.67 26.56 -28.29
N TRP B 36 -10.68 25.67 -28.32
CA TRP B 36 -10.84 24.29 -27.88
C TRP B 36 -11.23 24.21 -26.42
N VAL B 37 -10.53 24.97 -25.57
CA VAL B 37 -10.79 24.87 -24.13
C VAL B 37 -12.01 25.66 -23.65
N HIS B 38 -12.53 26.54 -24.51
CA HIS B 38 -13.77 27.26 -24.23
C HIS B 38 -15.00 26.57 -24.81
N ASP B 39 -14.81 25.51 -25.57
CA ASP B 39 -15.91 24.90 -26.30
C ASP B 39 -16.92 24.22 -25.40
N PRO B 40 -18.21 24.57 -25.55
CA PRO B 40 -19.22 24.03 -24.63
C PRO B 40 -19.36 22.52 -24.68
N GLU B 41 -19.32 21.94 -25.89
CA GLU B 41 -19.37 20.50 -26.00
C GLU B 41 -18.15 19.79 -25.36
N ASN B 42 -16.95 20.31 -25.58
CA ASN B 42 -15.78 19.76 -24.91
C ASN B 42 -15.92 19.80 -23.39
N MET B 43 -16.50 20.89 -22.87
CA MET B 43 -16.66 20.98 -21.42
C MET B 43 -17.69 19.97 -20.91
N ALA B 44 -18.81 19.86 -21.60
CA ALA B 44 -19.85 18.91 -21.24
C ALA B 44 -19.34 17.47 -21.26
N ALA B 45 -18.43 17.17 -22.18
CA ALA B 45 -17.88 15.79 -22.34
C ALA B 45 -16.81 15.50 -21.31
N GLY B 46 -16.36 16.55 -20.63
CA GLY B 46 -15.24 16.43 -19.72
C GLY B 46 -13.91 16.27 -20.41
N LEU B 47 -13.86 16.58 -21.70
CA LEU B 47 -12.59 16.55 -22.43
C LEU B 47 -11.65 17.64 -21.94
N VAL B 48 -12.22 18.77 -21.56
CA VAL B 48 -11.45 19.83 -20.90
C VAL B 48 -12.10 20.17 -19.54
N SER B 49 -11.33 20.77 -18.65
CA SER B 49 -11.71 20.95 -17.26
C SER B 49 -12.76 22.02 -17.02
N GLY B 50 -12.89 22.97 -17.93
CA GLY B 50 -13.69 24.16 -17.66
C GLY B 50 -12.87 25.35 -17.15
N ASP B 51 -11.67 25.10 -16.65
CA ASP B 51 -10.72 26.18 -16.32
C ASP B 51 -10.28 26.88 -17.59
N LEU B 52 -10.05 28.19 -17.51
CA LEU B 52 -9.75 28.93 -18.74
C LEU B 52 -8.40 29.68 -18.61
N PRO B 53 -7.62 29.72 -19.70
CA PRO B 53 -6.24 30.19 -19.59
C PRO B 53 -6.13 31.67 -19.28
N GLU B 54 -7.19 32.43 -19.60
CA GLU B 54 -7.20 33.86 -19.30
C GLU B 54 -7.25 34.13 -17.80
N ASN B 55 -7.45 33.10 -17.00
CA ASN B 55 -7.33 33.25 -15.54
C ASN B 55 -6.00 32.76 -14.97
N GLY B 56 -5.00 32.74 -15.86
CA GLY B 56 -3.68 32.20 -15.56
C GLY B 56 -2.77 33.06 -14.70
N PRO B 57 -1.49 32.69 -14.69
CA PRO B 57 -0.54 33.26 -13.74
C PRO B 57 -0.04 34.63 -14.15
N GLY B 58 -0.36 35.09 -15.36
CA GLY B 58 -0.10 36.48 -15.74
C GLY B 58 1.32 36.88 -16.07
N TYR B 59 2.08 36.00 -16.69
CA TYR B 59 3.45 36.33 -17.06
C TYR B 59 3.50 37.54 -18.02
N TRP B 60 2.49 37.71 -18.86
CA TRP B 60 2.48 38.84 -19.82
C TRP B 60 2.69 40.18 -19.11
N GLY B 61 2.04 40.37 -17.97
CA GLY B 61 2.15 41.60 -17.20
C GLY B 61 3.10 41.55 -16.03
N ASN B 62 3.30 40.34 -15.48
CA ASN B 62 4.07 40.18 -14.23
C ASN B 62 5.45 39.58 -14.44
N TYR B 63 5.90 39.55 -15.69
CA TYR B 63 7.20 38.93 -16.01
C TYR B 63 8.36 39.44 -15.14
N LYS B 64 8.36 40.72 -14.76
CA LYS B 64 9.49 41.23 -13.97
C LYS B 64 9.58 40.48 -12.62
N THR B 65 8.44 40.16 -12.04
CA THR B 65 8.40 39.40 -10.78
C THR B 65 8.82 37.94 -10.96
N PHE B 66 8.41 37.32 -12.06
CA PHE B 66 8.90 35.98 -12.40
C PHE B 66 10.43 36.03 -12.45
N HIS B 67 10.94 36.99 -13.20
CA HIS B 67 12.38 37.10 -13.45
C HIS B 67 13.13 37.42 -12.15
N ASP B 68 12.56 38.30 -11.30
CA ASP B 68 13.14 38.61 -10.00
CA ASP B 68 13.16 38.61 -10.02
C ASP B 68 13.31 37.32 -9.17
N ASN B 69 12.30 36.47 -9.18
CA ASN B 69 12.34 35.23 -8.40
C ASN B 69 13.35 34.25 -8.97
N ALA B 70 13.36 34.12 -10.30
CA ALA B 70 14.35 33.30 -10.99
C ALA B 70 15.77 33.74 -10.66
N GLN B 71 16.02 35.05 -10.69
CA GLN B 71 17.36 35.56 -10.43
C GLN B 71 17.77 35.28 -8.97
N LYS B 72 16.83 35.48 -8.05
CA LYS B 72 17.07 35.23 -6.63
C LYS B 72 17.36 33.76 -6.38
N MET B 73 16.77 32.92 -7.22
CA MET B 73 16.94 31.48 -7.15
C MET B 73 18.26 31.00 -7.79
N GLY B 74 19.01 31.91 -8.39
CA GLY B 74 20.31 31.57 -8.97
C GLY B 74 20.24 30.98 -10.38
N LEU B 75 19.10 31.11 -11.03
CA LEU B 75 18.91 30.44 -12.33
C LEU B 75 19.68 31.22 -13.40
N LYS B 76 20.17 30.51 -14.41
CA LYS B 76 21.06 31.11 -15.40
C LYS B 76 20.62 30.86 -16.84
N ILE B 77 19.49 30.19 -17.00
CA ILE B 77 18.97 29.88 -18.34
C ILE B 77 17.45 29.80 -18.31
N ALA B 78 16.82 30.24 -19.39
CA ALA B 78 15.37 30.13 -19.54
C ALA B 78 15.03 29.71 -20.98
N ARG B 79 14.01 28.86 -21.12
CA ARG B 79 13.44 28.56 -22.42
C ARG B 79 11.96 28.94 -22.41
N LEU B 80 11.58 29.82 -23.34
CA LEU B 80 10.24 30.40 -23.44
C LEU B 80 9.87 30.31 -24.94
N ASN B 81 8.59 30.48 -25.30
CA ASN B 81 8.24 30.63 -26.72
C ASN B 81 7.50 31.93 -26.98
N VAL B 82 7.50 32.32 -28.23
CA VAL B 82 6.58 33.34 -28.74
CA VAL B 82 6.58 33.34 -28.72
C VAL B 82 5.32 32.64 -29.25
N GLU B 83 4.17 33.22 -28.99
CA GLU B 83 2.90 32.70 -29.53
C GLU B 83 2.65 33.30 -30.92
N TRP B 84 2.61 32.43 -31.91
CA TRP B 84 2.43 32.79 -33.31
C TRP B 84 1.21 33.65 -33.48
N SER B 85 0.15 33.26 -32.76
CA SER B 85 -1.14 33.94 -32.82
CA SER B 85 -1.13 33.94 -32.84
C SER B 85 -1.07 35.41 -32.40
N ARG B 86 -0.17 35.74 -31.50
CA ARG B 86 -0.02 37.11 -31.03
C ARG B 86 0.62 37.99 -32.11
N ILE B 87 1.55 37.41 -32.86
CA ILE B 87 2.30 38.14 -33.86
C ILE B 87 1.53 38.27 -35.18
N PHE B 88 0.80 37.20 -35.53
CA PHE B 88 0.00 37.17 -36.76
C PHE B 88 -1.42 36.69 -36.45
N PRO B 89 -2.20 37.55 -35.82
CA PRO B 89 -3.57 37.18 -35.42
C PRO B 89 -4.54 37.08 -36.59
N ASN B 90 -4.20 37.78 -37.67
CA ASN B 90 -5.08 37.91 -38.82
C ASN B 90 -4.60 37.00 -39.94
N PRO B 91 -5.52 36.51 -40.76
CA PRO B 91 -5.12 35.62 -41.85
C PRO B 91 -4.23 36.32 -42.87
N LEU B 92 -3.21 35.60 -43.32
CA LEU B 92 -2.40 36.05 -44.45
C LEU B 92 -3.04 35.55 -45.72
N PRO B 93 -2.87 36.29 -46.82
CA PRO B 93 -3.42 35.82 -48.10
C PRO B 93 -2.77 34.50 -48.50
N ARG B 94 -3.53 33.64 -49.17
CA ARG B 94 -2.98 32.39 -49.69
C ARG B 94 -1.83 32.70 -50.65
N PRO B 95 -0.73 31.94 -50.54
CA PRO B 95 0.42 32.11 -51.43
C PRO B 95 0.18 31.53 -52.83
N PHE B 98 2.23 28.38 -54.88
CA PHE B 98 2.25 27.30 -53.88
C PHE B 98 1.10 26.32 -54.13
N ASP B 99 1.44 25.04 -54.25
CA ASP B 99 0.47 23.99 -54.56
C ASP B 99 0.19 23.12 -53.33
N GLU B 100 -0.98 23.29 -52.72
CA GLU B 100 -1.30 22.61 -51.46
C GLU B 100 -1.52 21.11 -51.63
N SER B 101 -1.68 20.66 -52.88
CA SER B 101 -1.86 19.23 -53.14
C SER B 101 -0.51 18.49 -53.18
N LYS B 102 0.58 19.24 -53.26
CA LYS B 102 1.92 18.66 -53.21
C LYS B 102 2.17 18.12 -51.81
N GLN B 103 2.51 16.84 -51.72
CA GLN B 103 2.76 16.18 -50.44
C GLN B 103 4.01 16.68 -49.73
N ASP B 104 5.06 16.92 -50.50
CA ASP B 104 6.35 17.31 -49.92
C ASP B 104 6.59 18.81 -50.03
N VAL B 105 7.08 19.38 -48.93
CA VAL B 105 7.55 20.77 -48.93
C VAL B 105 9.07 20.72 -48.76
N THR B 106 9.78 20.84 -49.86
CA THR B 106 11.23 20.69 -49.85
C THR B 106 12.01 22.01 -49.72
N GLU B 107 11.34 23.12 -49.95
CA GLU B 107 11.97 24.43 -49.85
C GLU B 107 10.89 25.45 -49.57
N VAL B 108 11.19 26.40 -48.70
CA VAL B 108 10.39 27.59 -48.56
C VAL B 108 11.34 28.76 -48.62
N GLU B 109 11.25 29.54 -49.69
CA GLU B 109 12.18 30.64 -49.94
C GLU B 109 12.02 31.77 -48.91
N ILE B 110 13.13 32.13 -48.27
CA ILE B 110 13.19 33.31 -47.41
C ILE B 110 14.14 34.33 -48.04
N ASN B 111 13.67 35.57 -48.15
CA ASN B 111 14.52 36.68 -48.56
C ASN B 111 14.08 37.96 -47.88
N GLU B 112 14.92 38.99 -48.00
CA GLU B 112 14.68 40.24 -47.30
C GLU B 112 13.33 40.87 -47.67
N ASN B 113 13.03 40.92 -48.96
CA ASN B 113 11.79 41.53 -49.41
C ASN B 113 10.58 40.81 -48.84
N GLU B 114 10.66 39.49 -48.80
CA GLU B 114 9.59 38.68 -48.26
C GLU B 114 9.42 38.92 -46.77
N LEU B 115 10.54 39.01 -46.04
CA LEU B 115 10.50 39.33 -44.62
C LEU B 115 9.88 40.72 -44.37
N LYS B 116 10.30 41.71 -45.14
CA LYS B 116 9.70 43.04 -45.01
C LYS B 116 8.20 43.02 -45.35
N ARG B 117 7.77 42.20 -46.29
CA ARG B 117 6.35 42.17 -46.60
C ARG B 117 5.56 41.51 -45.49
N LEU B 118 6.15 40.47 -44.89
CA LEU B 118 5.51 39.80 -43.79
C LEU B 118 5.44 40.77 -42.61
N ASP B 119 6.48 41.57 -42.46
CA ASP B 119 6.52 42.56 -41.38
C ASP B 119 5.29 43.49 -41.39
N GLU B 120 4.75 43.78 -42.57
CA GLU B 120 3.58 44.66 -42.68
C GLU B 120 2.31 44.04 -42.07
N TYR B 121 2.27 42.72 -41.96
CA TYR B 121 1.12 42.04 -41.37
C TYR B 121 1.24 41.82 -39.85
N ALA B 122 2.44 42.00 -39.31
CA ALA B 122 2.71 41.58 -37.93
C ALA B 122 2.15 42.58 -36.94
N ASN B 123 1.72 42.08 -35.77
CA ASN B 123 1.27 42.95 -34.71
C ASN B 123 2.45 43.54 -33.95
N LYS B 124 2.70 44.83 -34.14
CA LYS B 124 3.89 45.47 -33.59
C LYS B 124 3.80 45.62 -32.07
N ASP B 125 2.58 45.81 -31.56
CA ASP B 125 2.40 45.90 -30.12
C ASP B 125 2.84 44.61 -29.43
N ALA B 126 2.46 43.46 -29.98
CA ALA B 126 2.87 42.17 -29.42
C ALA B 126 4.39 41.96 -29.57
N LEU B 127 4.94 42.26 -30.74
CA LEU B 127 6.36 42.11 -30.95
C LEU B 127 7.15 42.95 -29.96
N ASN B 128 6.74 44.21 -29.79
CA ASN B 128 7.43 45.13 -28.90
CA ASN B 128 7.48 45.10 -28.92
C ASN B 128 7.38 44.62 -27.47
N HIS B 129 6.22 44.08 -27.10
CA HIS B 129 6.05 43.57 -25.74
C HIS B 129 6.96 42.38 -25.47
N TYR B 130 7.05 41.45 -26.43
CA TYR B 130 8.00 40.35 -26.31
C TYR B 130 9.44 40.85 -26.21
N ARG B 131 9.82 41.83 -27.04
CA ARG B 131 11.13 42.47 -26.89
C ARG B 131 11.35 42.97 -25.46
N GLU B 132 10.36 43.64 -24.88
CA GLU B 132 10.47 44.12 -23.50
C GLU B 132 10.69 42.97 -22.49
N ILE B 133 9.90 41.91 -22.63
CA ILE B 133 10.03 40.73 -21.76
C ILE B 133 11.44 40.12 -21.87
N PHE B 134 11.86 39.91 -23.11
CA PHE B 134 13.12 39.24 -23.39
C PHE B 134 14.33 40.09 -22.99
N LYS B 135 14.22 41.41 -23.15
CA LYS B 135 15.26 42.32 -22.71
C LYS B 135 15.39 42.26 -21.20
N ASP B 136 14.26 42.19 -20.50
CA ASP B 136 14.32 42.12 -19.04
C ASP B 136 15.02 40.82 -18.61
N LEU B 137 14.70 39.75 -19.33
CA LEU B 137 15.27 38.44 -19.10
C LEU B 137 16.78 38.48 -19.25
N LYS B 138 17.24 38.98 -20.39
CA LYS B 138 18.68 39.05 -20.68
C LYS B 138 19.38 39.94 -19.66
N SER B 139 18.70 40.99 -19.19
CA SER B 139 19.34 41.93 -18.26
C SER B 139 19.71 41.24 -16.96
N ARG B 140 19.11 40.10 -16.68
CA ARG B 140 19.50 39.42 -15.46
C ARG B 140 20.52 38.31 -15.68
N GLY B 141 21.18 38.34 -16.84
CA GLY B 141 22.23 37.39 -17.15
C GLY B 141 21.72 35.98 -17.40
N LEU B 142 20.45 35.87 -17.75
CA LEU B 142 19.87 34.58 -18.12
C LEU B 142 20.20 34.29 -19.60
N TYR B 143 20.75 33.12 -19.86
CA TYR B 143 20.93 32.60 -21.21
C TYR B 143 19.54 32.26 -21.75
N PHE B 144 19.31 32.50 -23.04
CA PHE B 144 17.94 32.48 -23.57
C PHE B 144 17.78 31.52 -24.75
N ILE B 145 17.00 30.45 -24.54
CA ILE B 145 16.57 29.58 -25.63
C ILE B 145 15.17 29.98 -26.06
N LEU B 146 15.02 30.49 -27.29
CA LEU B 146 13.71 30.85 -27.82
C LEU B 146 13.16 29.71 -28.65
N ASN B 147 11.99 29.20 -28.22
CA ASN B 147 11.24 28.18 -28.93
C ASN B 147 10.10 28.86 -29.74
N MET B 148 9.84 28.40 -30.97
CA MET B 148 8.90 29.06 -31.86
C MET B 148 7.45 28.61 -31.70
N TYR B 149 7.25 27.40 -31.17
CA TYR B 149 5.92 26.76 -31.21
C TYR B 149 5.72 25.81 -30.02
N HIS B 150 4.64 26.01 -29.27
CA HIS B 150 4.37 25.13 -28.12
C HIS B 150 2.88 24.72 -28.08
N TRP B 151 2.34 24.46 -29.26
CA TRP B 151 1.07 23.78 -29.52
C TRP B 151 -0.01 24.64 -30.15
N PRO B 152 -0.31 25.82 -29.59
CA PRO B 152 -1.41 26.57 -30.21
C PRO B 152 -1.02 27.13 -31.58
N LEU B 153 -1.96 27.03 -32.51
CA LEU B 153 -1.83 27.60 -33.83
C LEU B 153 -2.81 28.77 -33.95
N PRO B 154 -2.47 29.75 -34.78
CA PRO B 154 -3.48 30.76 -35.09
C PRO B 154 -4.76 30.12 -35.60
N LEU B 155 -5.89 30.67 -35.19
CA LEU B 155 -7.17 30.08 -35.53
C LEU B 155 -7.36 30.10 -37.07
N TRP B 156 -6.75 31.09 -37.73
CA TRP B 156 -6.87 31.14 -39.17
C TRP B 156 -6.20 29.97 -39.91
N LEU B 157 -5.32 29.25 -39.20
CA LEU B 157 -4.68 28.04 -39.71
C LEU B 157 -5.32 26.74 -39.22
N HIS B 158 -6.14 26.80 -38.16
CA HIS B 158 -6.74 25.60 -37.60
C HIS B 158 -8.03 25.90 -36.82
N ASP B 159 -9.17 25.45 -37.35
CA ASP B 159 -10.41 25.42 -36.56
C ASP B 159 -10.63 24.01 -36.00
N PRO B 160 -10.27 23.81 -34.72
CA PRO B 160 -10.24 22.44 -34.19
C PRO B 160 -11.60 21.78 -33.95
N ILE B 161 -12.63 22.60 -33.82
CA ILE B 161 -13.98 22.09 -33.57
C ILE B 161 -14.57 21.54 -34.87
N ARG B 162 -14.34 22.25 -35.97
CA ARG B 162 -14.75 21.81 -37.29
C ARG B 162 -14.08 20.45 -37.59
N VAL B 163 -12.80 20.32 -37.27
CA VAL B 163 -12.10 19.07 -37.45
C VAL B 163 -12.58 17.95 -36.51
N ARG B 164 -12.82 18.28 -35.24
CA ARG B 164 -13.35 17.30 -34.33
C ARG B 164 -14.67 16.70 -34.90
N ARG B 165 -15.48 17.56 -35.54
CA ARG B 165 -16.76 17.16 -36.12
C ARG B 165 -16.65 16.38 -37.44
N GLY B 166 -15.44 16.18 -37.92
CA GLY B 166 -15.19 15.45 -39.14
C GLY B 166 -15.34 16.27 -40.40
N ASP B 167 -15.30 17.59 -40.28
CA ASP B 167 -15.36 18.46 -41.46
C ASP B 167 -13.94 18.92 -41.78
N PHE B 168 -13.45 18.52 -42.95
CA PHE B 168 -12.06 18.79 -43.37
C PHE B 168 -11.95 19.83 -44.47
N THR B 169 -12.99 20.64 -44.62
CA THR B 169 -13.03 21.68 -45.64
C THR B 169 -12.54 23.05 -45.18
N GLY B 170 -12.15 23.15 -43.89
CA GLY B 170 -11.70 24.40 -43.34
C GLY B 170 -10.23 24.36 -42.99
N PRO B 171 -9.77 25.34 -42.22
CA PRO B 171 -8.35 25.37 -41.83
C PRO B 171 -8.03 24.14 -40.96
N SER B 172 -7.10 23.30 -41.40
CA SER B 172 -6.93 21.98 -40.81
CA SER B 172 -6.89 21.96 -40.88
C SER B 172 -5.61 21.73 -40.08
N GLY B 173 -4.95 22.81 -39.68
CA GLY B 173 -3.80 22.65 -38.79
C GLY B 173 -2.70 21.88 -39.50
N TRP B 174 -2.10 20.95 -38.78
CA TRP B 174 -0.97 20.20 -39.31
C TRP B 174 -1.33 19.19 -40.38
N LEU B 175 -2.62 19.08 -40.68
CA LEU B 175 -3.04 18.26 -41.81
C LEU B 175 -2.84 18.98 -43.14
N SER B 176 -2.43 20.25 -43.10
CA SER B 176 -2.29 21.07 -44.31
C SER B 176 -0.87 21.57 -44.51
N THR B 177 -0.37 21.46 -45.75
CA THR B 177 0.95 21.95 -46.04
C THR B 177 0.99 23.47 -45.99
N ARG B 178 -0.17 24.12 -46.00
CA ARG B 178 -0.19 25.58 -45.83
C ARG B 178 0.41 25.98 -44.48
N THR B 179 0.12 25.17 -43.47
CA THR B 179 0.64 25.40 -42.13
C THR B 179 2.16 25.24 -42.13
N VAL B 180 2.65 24.27 -42.89
CA VAL B 180 4.08 24.01 -42.99
C VAL B 180 4.76 25.22 -43.59
N TYR B 181 4.23 25.67 -44.73
CA TYR B 181 4.73 26.83 -45.45
C TYR B 181 4.79 28.06 -44.51
N GLU B 182 3.70 28.34 -43.81
CA GLU B 182 3.64 29.55 -43.00
C GLU B 182 4.49 29.47 -41.74
N PHE B 183 4.67 28.25 -41.22
CA PHE B 183 5.45 28.08 -39.99
C PHE B 183 6.91 28.37 -40.28
N ALA B 184 7.40 27.91 -41.42
CA ALA B 184 8.75 28.19 -41.85
C ALA B 184 9.00 29.69 -41.96
N ARG B 185 8.08 30.40 -42.61
CA ARG B 185 8.17 31.85 -42.74
C ARG B 185 8.08 32.55 -41.39
N PHE B 186 7.23 32.05 -40.50
CA PHE B 186 7.06 32.66 -39.18
C PHE B 186 8.36 32.52 -38.38
N SER B 187 8.94 31.32 -38.42
CA SER B 187 10.18 31.03 -37.69
C SER B 187 11.34 31.93 -38.14
N ALA B 188 11.51 32.06 -39.45
CA ALA B 188 12.52 32.93 -40.00
C ALA B 188 12.29 34.38 -39.57
N TYR B 189 11.03 34.79 -39.58
CA TYR B 189 10.65 36.14 -39.24
C TYR B 189 11.01 36.46 -37.81
N ILE B 190 10.70 35.53 -36.90
CA ILE B 190 11.03 35.77 -35.49
C ILE B 190 12.54 35.84 -35.25
N ALA B 191 13.31 34.97 -35.88
CA ALA B 191 14.76 35.02 -35.76
C ALA B 191 15.29 36.34 -36.30
N TRP B 192 14.76 36.79 -37.43
CA TRP B 192 15.16 38.07 -38.00
C TRP B 192 14.90 39.23 -37.03
N LYS B 193 13.79 39.17 -36.31
CA LYS B 193 13.44 40.22 -35.38
C LYS B 193 14.20 40.15 -34.03
N PHE B 194 14.46 38.94 -33.54
CA PHE B 194 14.94 38.78 -32.16
C PHE B 194 16.35 38.18 -32.04
N ASP B 195 17.05 37.96 -33.13
CA ASP B 195 18.34 37.28 -33.06
C ASP B 195 19.31 37.96 -32.10
N ASP B 196 19.17 39.27 -31.92
CA ASP B 196 20.09 40.00 -31.06
C ASP B 196 19.95 39.65 -29.57
N LEU B 197 18.81 39.07 -29.21
CA LEU B 197 18.51 38.71 -27.82
C LEU B 197 18.66 37.19 -27.58
N VAL B 198 18.49 36.39 -28.61
CA VAL B 198 18.42 34.93 -28.48
C VAL B 198 19.81 34.30 -28.42
N ASP B 199 19.98 33.28 -27.59
CA ASP B 199 21.26 32.57 -27.57
C ASP B 199 21.19 31.29 -28.40
N GLU B 200 20.12 30.53 -28.24
CA GLU B 200 19.84 29.36 -29.07
C GLU B 200 18.34 29.30 -29.41
N TYR B 201 18.02 28.64 -30.52
CA TYR B 201 16.64 28.42 -30.91
C TYR B 201 16.18 26.97 -30.81
N SER B 202 14.89 26.81 -30.56
CA SER B 202 14.20 25.55 -30.82
C SER B 202 13.06 25.82 -31.79
N THR B 203 12.81 24.92 -32.71
CA THR B 203 11.67 25.13 -33.61
C THR B 203 10.35 24.86 -32.94
N MET B 204 10.30 23.77 -32.19
CA MET B 204 9.03 23.32 -31.61
C MET B 204 9.24 22.53 -30.34
N ASN B 205 8.16 22.42 -29.57
CA ASN B 205 8.09 21.70 -28.32
C ASN B 205 7.12 20.50 -28.44
N GLU B 206 7.64 19.32 -28.19
CA GLU B 206 6.85 18.09 -28.14
CA GLU B 206 6.85 18.10 -28.12
C GLU B 206 5.91 17.93 -29.32
N PRO B 207 6.46 17.94 -30.54
CA PRO B 207 5.61 17.72 -31.72
C PRO B 207 4.91 16.35 -31.71
N ASN B 208 5.51 15.37 -31.05
CA ASN B 208 4.91 14.04 -30.94
C ASN B 208 3.61 14.06 -30.16
N VAL B 209 3.46 15.02 -29.25
CA VAL B 209 2.18 15.17 -28.55
C VAL B 209 1.09 15.62 -29.52
N VAL B 210 1.45 16.49 -30.47
CA VAL B 210 0.48 16.96 -31.46
C VAL B 210 -0.12 15.79 -32.22
N GLY B 211 0.71 14.95 -32.81
CA GLY B 211 0.22 13.79 -33.54
C GLY B 211 -0.40 12.73 -32.65
N GLY B 212 0.23 12.49 -31.51
CA GLY B 212 -0.12 11.40 -30.64
C GLY B 212 -1.40 11.62 -29.86
N LEU B 213 -1.52 12.75 -29.17
CA LEU B 213 -2.73 13.02 -28.41
C LEU B 213 -3.84 13.62 -29.29
N GLY B 214 -3.48 14.42 -30.27
CA GLY B 214 -4.45 15.10 -31.10
C GLY B 214 -5.31 14.17 -31.94
N TYR B 215 -4.69 13.08 -32.41
CA TYR B 215 -5.33 12.18 -33.39
C TYR B 215 -5.37 10.71 -32.95
N VAL B 216 -4.84 10.38 -31.78
CA VAL B 216 -4.97 9.00 -31.29
C VAL B 216 -5.45 8.98 -29.84
N GLY B 217 -4.69 9.63 -28.96
CA GLY B 217 -5.06 9.69 -27.55
C GLY B 217 -6.16 10.70 -27.26
N VAL B 218 -7.31 10.51 -27.90
CA VAL B 218 -8.32 11.56 -27.98
C VAL B 218 -9.10 11.76 -26.67
N LYS B 219 -8.93 10.87 -25.71
CA LYS B 219 -9.52 11.12 -24.39
C LYS B 219 -8.76 12.19 -23.62
N SER B 220 -7.54 12.48 -24.06
CA SER B 220 -6.68 13.44 -23.37
C SER B 220 -7.19 14.87 -23.45
N GLY B 221 -8.06 15.16 -24.40
CA GLY B 221 -8.54 16.53 -24.60
C GLY B 221 -7.56 17.44 -25.29
N PHE B 222 -6.70 16.88 -26.14
CA PHE B 222 -5.78 17.67 -26.95
C PHE B 222 -6.42 17.92 -28.33
N PRO B 223 -6.39 19.18 -28.83
CA PRO B 223 -7.07 19.42 -30.13
C PRO B 223 -6.38 18.73 -31.30
N PRO B 224 -7.14 18.34 -32.34
CA PRO B 224 -8.58 18.52 -32.53
C PRO B 224 -9.40 17.31 -32.07
N GLY B 225 -8.75 16.33 -31.43
CA GLY B 225 -9.43 15.17 -30.91
C GLY B 225 -10.22 14.38 -31.94
N TYR B 226 -9.61 14.16 -33.09
CA TYR B 226 -10.21 13.39 -34.17
C TYR B 226 -9.42 12.10 -34.32
N LEU B 227 -10.09 11.00 -33.99
CA LEU B 227 -9.42 9.70 -33.87
C LEU B 227 -9.13 9.12 -35.23
N SER B 228 -7.83 9.11 -35.58
CA SER B 228 -7.41 8.63 -36.89
C SER B 228 -5.91 8.30 -36.95
N PHE B 229 -5.58 7.02 -37.09
CA PHE B 229 -4.19 6.66 -37.28
C PHE B 229 -3.64 7.35 -38.54
N GLU B 230 -4.42 7.31 -39.61
CA GLU B 230 -3.99 7.87 -40.90
C GLU B 230 -3.65 9.37 -40.78
N LEU B 231 -4.54 10.14 -40.17
CA LEU B 231 -4.28 11.58 -40.01
C LEU B 231 -3.18 11.89 -38.97
N SER B 232 -3.00 11.02 -37.97
CA SER B 232 -1.91 11.18 -37.03
CA SER B 232 -1.91 11.20 -37.03
C SER B 232 -0.60 11.17 -37.81
N ARG B 233 -0.51 10.22 -38.74
CA ARG B 233 0.70 10.07 -39.56
C ARG B 233 0.90 11.25 -40.47
N ARG B 234 -0.18 11.71 -41.10
CA ARG B 234 -0.09 12.89 -41.97
C ARG B 234 0.38 14.14 -41.17
N ALA B 235 -0.20 14.34 -39.98
CA ALA B 235 0.22 15.46 -39.13
C ALA B 235 1.70 15.40 -38.77
N MET B 236 2.17 14.23 -38.40
CA MET B 236 3.58 14.08 -38.00
C MET B 236 4.49 14.26 -39.20
N TYR B 237 4.05 13.81 -40.36
CA TYR B 237 4.85 14.02 -41.58
C TYR B 237 4.99 15.51 -41.86
N ASN B 238 3.88 16.22 -41.77
CA ASN B 238 3.92 17.67 -42.00
C ASN B 238 4.74 18.37 -40.93
N ILE B 239 4.67 17.90 -39.69
CA ILE B 239 5.45 18.51 -38.61
C ILE B 239 6.94 18.33 -38.83
N ILE B 240 7.34 17.16 -39.31
CA ILE B 240 8.74 16.92 -39.65
C ILE B 240 9.26 17.89 -40.72
N GLN B 241 8.52 18.05 -41.80
CA GLN B 241 9.03 18.94 -42.85
C GLN B 241 8.91 20.39 -42.42
N ALA B 242 7.95 20.71 -41.57
CA ALA B 242 7.86 22.06 -41.01
C ALA B 242 9.11 22.35 -40.18
N HIS B 243 9.53 21.37 -39.38
CA HIS B 243 10.74 21.58 -38.61
C HIS B 243 11.93 21.88 -39.54
N ALA B 244 12.08 21.08 -40.58
CA ALA B 244 13.21 21.22 -41.51
C ALA B 244 13.17 22.57 -42.22
N ARG B 245 11.99 22.99 -42.64
CA ARG B 245 11.85 24.27 -43.36
C ARG B 245 12.06 25.45 -42.39
N ALA B 246 11.67 25.27 -41.14
CA ALA B 246 11.89 26.28 -40.11
C ALA B 246 13.39 26.38 -39.74
N TYR B 247 14.05 25.25 -39.63
CA TYR B 247 15.52 25.22 -39.47
C TYR B 247 16.22 25.99 -40.60
N ASP B 248 15.91 25.64 -41.85
CA ASP B 248 16.51 26.36 -42.97
C ASP B 248 16.18 27.85 -42.95
N GLY B 249 14.95 28.19 -42.56
CA GLY B 249 14.54 29.59 -42.53
C GLY B 249 15.30 30.39 -41.50
N ILE B 250 15.44 29.84 -40.28
CA ILE B 250 16.19 30.51 -39.25
C ILE B 250 17.64 30.68 -39.68
N LYS B 251 18.22 29.64 -40.25
CA LYS B 251 19.62 29.68 -40.67
C LYS B 251 19.83 30.70 -41.80
N SER B 252 18.77 31.09 -42.50
CA SER B 252 18.92 32.10 -43.54
C SER B 252 19.15 33.48 -42.94
N VAL B 253 18.82 33.65 -41.66
CA VAL B 253 19.00 34.94 -40.98
C VAL B 253 19.89 34.91 -39.74
N SER B 254 20.25 33.73 -39.28
CA SER B 254 21.02 33.59 -38.06
C SER B 254 22.05 32.50 -38.20
N LYS B 255 23.13 32.62 -37.43
CA LYS B 255 24.14 31.59 -37.33
C LYS B 255 24.03 30.80 -36.03
N LYS B 256 23.02 31.10 -35.22
CA LYS B 256 22.91 30.48 -33.90
C LYS B 256 22.34 29.05 -33.95
N PRO B 257 22.61 28.25 -32.92
CA PRO B 257 22.16 26.85 -32.89
C PRO B 257 20.64 26.72 -32.95
N VAL B 258 20.17 25.75 -33.73
CA VAL B 258 18.74 25.46 -33.89
C VAL B 258 18.50 24.00 -33.57
N GLY B 259 17.65 23.76 -32.58
CA GLY B 259 17.30 22.42 -32.17
C GLY B 259 15.81 22.16 -32.16
N ILE B 260 15.41 21.15 -31.39
CA ILE B 260 14.00 20.80 -31.22
C ILE B 260 13.86 20.17 -29.84
N ILE B 261 12.65 20.29 -29.28
CA ILE B 261 12.33 19.79 -27.96
C ILE B 261 11.27 18.68 -28.07
N TYR B 262 11.48 17.55 -27.41
CA TYR B 262 10.64 16.37 -27.67
C TYR B 262 10.18 15.68 -26.39
N ALA B 263 8.98 15.11 -26.40
CA ALA B 263 8.43 14.43 -25.24
C ALA B 263 8.94 13.01 -25.17
N ASN B 264 9.76 12.76 -24.16
CA ASN B 264 10.38 11.43 -24.00
C ASN B 264 9.87 10.63 -22.83
N SER B 265 9.93 9.31 -23.00
CA SER B 265 9.75 8.38 -21.92
CA SER B 265 9.74 8.39 -21.91
C SER B 265 10.94 7.44 -21.90
N SER B 266 11.23 6.85 -20.74
CA SER B 266 12.25 5.81 -20.70
C SER B 266 11.52 4.49 -20.80
N PHE B 267 11.74 3.77 -21.90
CA PHE B 267 11.09 2.47 -22.09
C PHE B 267 11.83 1.37 -21.34
N GLN B 268 11.11 0.70 -20.45
CA GLN B 268 11.68 -0.29 -19.54
C GLN B 268 11.00 -1.65 -19.71
N PRO B 269 11.79 -2.74 -19.63
CA PRO B 269 11.21 -4.07 -19.85
C PRO B 269 10.48 -4.57 -18.62
N LEU B 270 9.31 -5.18 -18.81
CA LEU B 270 8.59 -5.75 -17.69
C LEU B 270 9.40 -6.91 -17.09
N THR B 271 9.98 -7.74 -17.95
CA THR B 271 10.86 -8.82 -17.51
C THR B 271 12.12 -8.87 -18.36
N ASP B 272 13.04 -9.75 -18.01
CA ASP B 272 14.29 -9.87 -18.76
C ASP B 272 14.09 -10.41 -20.18
N LYS B 273 12.88 -10.89 -20.49
CA LYS B 273 12.58 -11.33 -21.86
C LYS B 273 12.06 -10.23 -22.79
N ASP B 274 11.93 -9.00 -22.26
CA ASP B 274 11.23 -7.95 -22.99
C ASP B 274 12.15 -6.87 -23.58
N MET B 275 13.42 -7.21 -23.72
CA MET B 275 14.41 -6.24 -24.20
C MET B 275 14.13 -5.82 -25.65
N GLU B 276 13.69 -6.77 -26.47
CA GLU B 276 13.36 -6.44 -27.86
C GLU B 276 12.14 -5.52 -27.92
N ALA B 277 11.21 -5.72 -26.98
CA ALA B 277 10.04 -4.86 -26.89
C ALA B 277 10.46 -3.41 -26.61
N VAL B 278 11.47 -3.26 -25.77
CA VAL B 278 11.99 -1.94 -25.47
C VAL B 278 12.56 -1.28 -26.74
N GLU B 279 13.35 -2.04 -27.49
CA GLU B 279 13.88 -1.53 -28.75
C GLU B 279 12.79 -1.10 -29.72
N MET B 280 11.76 -1.94 -29.87
CA MET B 280 10.63 -1.61 -30.74
C MET B 280 9.93 -0.33 -30.31
N ALA B 281 9.68 -0.19 -29.00
CA ALA B 281 9.06 1.03 -28.51
C ALA B 281 9.91 2.28 -28.73
N GLU B 282 11.23 2.15 -28.59
CA GLU B 282 12.13 3.28 -28.83
C GLU B 282 12.12 3.66 -30.32
N ASN B 283 12.14 2.65 -31.20
CA ASN B 283 12.01 2.91 -32.63
C ASN B 283 10.72 3.64 -32.94
N ASP B 284 9.63 3.14 -32.36
CA ASP B 284 8.29 3.63 -32.70
C ASP B 284 7.95 4.98 -32.07
N ASN B 285 8.59 5.33 -30.95
CA ASN B 285 8.25 6.57 -30.27
C ASN B 285 9.30 7.66 -30.38
N ARG B 286 10.54 7.29 -30.75
CA ARG B 286 11.68 8.20 -30.68
C ARG B 286 12.54 8.20 -31.98
N TRP B 287 13.14 7.07 -32.31
CA TRP B 287 14.11 7.07 -33.39
C TRP B 287 13.53 7.39 -34.78
N TRP B 288 12.27 7.03 -35.03
CA TRP B 288 11.70 7.27 -36.36
C TRP B 288 11.69 8.76 -36.65
N PHE B 289 11.40 9.57 -35.63
CA PHE B 289 11.31 11.02 -35.78
C PHE B 289 12.70 11.65 -35.94
N PHE B 290 13.60 11.30 -35.04
CA PHE B 290 14.94 11.87 -35.08
C PHE B 290 15.75 11.38 -36.27
N ASP B 291 15.57 10.13 -36.66
CA ASP B 291 16.23 9.67 -37.87
C ASP B 291 15.78 10.48 -39.08
N ALA B 292 14.52 10.96 -39.09
CA ALA B 292 14.03 11.77 -40.20
C ALA B 292 14.74 13.12 -40.25
N ILE B 293 14.78 13.83 -39.11
CA ILE B 293 15.32 15.19 -39.14
C ILE B 293 16.84 15.30 -38.98
N ILE B 294 17.49 14.21 -38.60
CA ILE B 294 18.94 14.17 -38.53
C ILE B 294 19.55 13.47 -39.73
N ARG B 295 19.00 12.30 -40.06
CA ARG B 295 19.56 11.47 -41.12
C ARG B 295 18.75 11.56 -42.43
N GLY B 296 17.61 12.25 -42.40
CA GLY B 296 16.78 12.41 -43.57
C GLY B 296 15.99 11.18 -43.95
N GLU B 297 15.95 10.20 -43.05
CA GLU B 297 15.32 8.92 -43.35
C GLU B 297 13.85 8.94 -43.06
N ILE B 298 13.06 8.62 -44.07
CA ILE B 298 11.62 8.50 -43.93
C ILE B 298 11.13 7.31 -44.75
N THR B 299 9.90 6.90 -44.47
CA THR B 299 9.27 5.78 -45.17
C THR B 299 8.30 6.32 -46.21
N ARG B 300 8.50 5.96 -47.47
CA ARG B 300 7.63 6.40 -48.56
C ARG B 300 6.98 5.20 -49.25
N LYS B 304 11.34 3.09 -47.72
CA LYS B 304 12.49 3.62 -46.95
C LYS B 304 13.46 4.43 -47.83
N ILE B 305 13.53 5.74 -47.61
CA ILE B 305 14.36 6.60 -48.45
C ILE B 305 15.00 7.72 -47.66
N VAL B 306 15.91 8.45 -48.30
CA VAL B 306 16.52 9.62 -47.67
C VAL B 306 16.11 10.87 -48.43
N ARG B 307 15.61 11.87 -47.68
CA ARG B 307 15.30 13.17 -48.26
C ARG B 307 16.44 14.12 -47.94
N ASP B 308 17.12 14.58 -48.99
CA ASP B 308 18.24 15.50 -48.83
C ASP B 308 17.82 16.82 -48.20
N ASP B 309 16.54 17.16 -48.32
CA ASP B 309 16.04 18.40 -47.74
C ASP B 309 15.70 18.27 -46.25
N LEU B 310 15.70 17.06 -45.71
CA LEU B 310 15.49 16.83 -44.28
C LEU B 310 16.77 16.54 -43.51
N LYS B 311 17.76 15.96 -44.19
CA LYS B 311 18.98 15.50 -43.55
C LYS B 311 19.77 16.65 -42.94
N GLY B 312 20.28 16.45 -41.74
CA GLY B 312 21.18 17.41 -41.11
C GLY B 312 20.51 18.65 -40.52
N ARG B 313 19.19 18.63 -40.36
CA ARG B 313 18.45 19.81 -39.91
C ARG B 313 18.31 19.83 -38.38
N LEU B 314 19.42 19.69 -37.67
CA LEU B 314 19.36 19.74 -36.19
C LEU B 314 20.73 19.93 -35.58
N ASP B 315 20.82 20.87 -34.65
CA ASP B 315 22.09 21.17 -34.00
C ASP B 315 22.15 20.66 -32.55
N TRP B 316 20.98 20.53 -31.91
CA TRP B 316 20.92 20.07 -30.51
C TRP B 316 19.54 19.51 -30.19
N ILE B 317 19.44 18.77 -29.09
CA ILE B 317 18.23 18.05 -28.73
C ILE B 317 17.79 18.45 -27.34
N GLY B 318 16.52 18.84 -27.24
CA GLY B 318 15.90 19.16 -25.99
C GLY B 318 15.15 17.95 -25.47
N VAL B 319 15.62 17.43 -24.33
CA VAL B 319 15.02 16.28 -23.68
C VAL B 319 13.98 16.71 -22.62
N ASN B 320 12.72 16.36 -22.87
CA ASN B 320 11.67 16.52 -21.88
C ASN B 320 11.40 15.15 -21.26
N TYR B 321 11.55 15.02 -19.95
CA TYR B 321 11.44 13.71 -19.32
C TYR B 321 10.69 13.87 -18.00
N TYR B 322 9.68 13.01 -17.79
CA TYR B 322 8.92 12.95 -16.53
C TYR B 322 8.89 11.58 -15.86
N THR B 323 8.70 10.52 -16.65
CA THR B 323 8.62 9.18 -16.09
C THR B 323 8.89 8.12 -17.15
N ARG B 324 8.79 6.85 -16.74
CA ARG B 324 9.05 5.74 -17.63
C ARG B 324 7.77 5.22 -18.32
N THR B 325 7.95 4.22 -19.16
CA THR B 325 6.87 3.41 -19.71
C THR B 325 7.37 1.98 -19.71
N VAL B 326 6.61 1.10 -19.07
CA VAL B 326 6.98 -0.30 -19.00
C VAL B 326 6.28 -1.04 -20.13
N VAL B 327 7.04 -1.86 -20.85
CA VAL B 327 6.51 -2.57 -21.99
C VAL B 327 6.82 -4.05 -21.94
N LYS B 328 5.99 -4.83 -22.63
CA LYS B 328 6.26 -6.24 -22.76
C LYS B 328 6.05 -6.68 -24.20
N ARG B 329 6.76 -7.74 -24.58
CA ARG B 329 6.63 -8.31 -25.91
C ARG B 329 5.30 -9.03 -26.01
N THR B 330 4.68 -8.97 -27.19
CA THR B 330 3.48 -9.75 -27.47
C THR B 330 3.66 -10.40 -28.83
N GLU B 331 2.74 -11.28 -29.20
CA GLU B 331 2.84 -11.95 -30.49
C GLU B 331 2.93 -10.90 -31.61
N LYS B 332 2.06 -9.90 -31.54
CA LYS B 332 2.04 -8.82 -32.51
C LYS B 332 3.36 -8.03 -32.50
N GLY B 333 3.61 -7.32 -31.40
CA GLY B 333 4.83 -6.55 -31.24
C GLY B 333 5.11 -6.34 -29.76
N TYR B 334 4.61 -5.23 -29.23
CA TYR B 334 4.72 -4.95 -27.79
C TYR B 334 3.51 -4.16 -27.34
N VAL B 335 3.32 -4.09 -26.03
CA VAL B 335 2.28 -3.27 -25.46
C VAL B 335 2.85 -2.57 -24.22
N SER B 336 2.34 -1.40 -23.91
CA SER B 336 2.70 -0.72 -22.67
CA SER B 336 2.69 -0.70 -22.68
C SER B 336 1.74 -1.17 -21.59
N LEU B 337 2.20 -1.12 -20.34
CA LEU B 337 1.39 -1.62 -19.23
CA LEU B 337 1.42 -1.63 -19.21
C LEU B 337 0.89 -0.51 -18.33
N GLY B 338 -0.38 -0.64 -17.92
CA GLY B 338 -0.93 0.26 -16.94
C GLY B 338 -0.34 -0.07 -15.57
N GLY B 339 -0.42 0.87 -14.65
CA GLY B 339 0.08 0.67 -13.31
C GLY B 339 1.56 1.00 -13.16
N TYR B 340 2.15 1.47 -14.25
CA TYR B 340 3.51 2.00 -14.20
C TYR B 340 3.54 3.29 -15.01
N GLY B 341 4.63 4.04 -14.85
CA GLY B 341 4.91 5.19 -15.68
C GLY B 341 3.86 6.25 -15.59
N HIS B 342 3.30 6.66 -16.75
CA HIS B 342 2.27 7.69 -16.73
C HIS B 342 0.87 7.11 -16.59
N GLY B 343 0.75 5.80 -16.44
CA GLY B 343 -0.55 5.14 -16.33
C GLY B 343 -0.91 4.61 -14.95
N CYS B 344 -0.56 5.38 -13.91
CA CYS B 344 -0.84 4.99 -12.52
C CYS B 344 -2.01 5.76 -11.93
N GLU B 345 -2.45 5.30 -10.77
CA GLU B 345 -3.42 6.04 -9.99
C GLU B 345 -2.74 7.29 -9.47
N ARG B 346 -3.51 8.34 -9.29
CA ARG B 346 -2.98 9.59 -8.73
C ARG B 346 -2.73 9.44 -7.23
N ASN B 347 -1.66 10.06 -6.73
CA ASN B 347 -1.35 10.05 -5.30
C ASN B 347 -1.50 8.64 -4.73
N SER B 348 -0.70 7.75 -5.28
CA SER B 348 -0.71 6.35 -4.87
C SER B 348 0.68 5.77 -5.04
N VAL B 349 0.74 4.46 -5.28
CA VAL B 349 1.97 3.80 -5.64
C VAL B 349 1.70 3.01 -6.90
N SER B 350 2.74 2.86 -7.72
CA SER B 350 2.68 2.03 -8.91
C SER B 350 2.73 0.57 -8.53
N LEU B 351 2.56 -0.30 -9.53
CA LEU B 351 2.74 -1.74 -9.31
C LEU B 351 4.17 -2.14 -8.87
N ALA B 352 5.13 -1.24 -9.04
CA ALA B 352 6.51 -1.45 -8.58
C ALA B 352 6.75 -0.91 -7.17
N GLY B 353 5.74 -0.29 -6.58
CA GLY B 353 5.84 0.21 -5.21
C GLY B 353 6.44 1.60 -5.15
N LEU B 354 6.55 2.26 -6.30
CA LEU B 354 7.09 3.62 -6.33
C LEU B 354 5.96 4.67 -6.24
N PRO B 355 6.23 5.80 -5.55
CA PRO B 355 5.17 6.80 -5.38
C PRO B 355 4.76 7.48 -6.69
N THR B 356 3.47 7.85 -6.80
CA THR B 356 2.99 8.54 -7.99
C THR B 356 2.56 9.96 -7.62
N SER B 357 2.63 10.81 -8.63
CA SER B 357 2.35 12.22 -8.45
C SER B 357 0.87 12.56 -8.44
N ASP B 358 0.56 13.86 -8.33
CA ASP B 358 -0.83 14.30 -8.43
C ASP B 358 -1.46 13.93 -9.80
N PHE B 359 -0.61 13.66 -10.79
CA PHE B 359 -1.01 13.34 -12.16
C PHE B 359 -1.05 11.83 -12.41
N GLY B 360 -0.59 11.04 -11.44
CA GLY B 360 -0.52 9.61 -11.64
C GLY B 360 0.74 9.15 -12.34
N TRP B 361 1.81 9.92 -12.23
CA TRP B 361 3.08 9.59 -12.90
C TRP B 361 4.09 9.06 -11.88
N GLU B 362 4.71 7.94 -12.23
CA GLU B 362 5.59 7.21 -11.32
C GLU B 362 6.95 7.88 -11.18
N PHE B 363 7.48 7.84 -9.96
CA PHE B 363 8.81 8.36 -9.63
C PHE B 363 9.87 7.43 -10.23
N PHE B 364 10.60 7.89 -11.26
CA PHE B 364 11.57 7.01 -11.91
C PHE B 364 12.75 7.79 -12.51
N PRO B 365 13.58 8.36 -11.63
CA PRO B 365 14.67 9.20 -12.11
C PRO B 365 15.72 8.48 -12.99
N GLU B 366 15.93 7.17 -12.79
CA GLU B 366 16.89 6.45 -13.63
C GLU B 366 16.58 6.58 -15.12
N GLY B 367 15.30 6.77 -15.46
CA GLY B 367 14.93 6.92 -16.85
C GLY B 367 15.55 8.12 -17.56
N LEU B 368 15.88 9.18 -16.82
CA LEU B 368 16.48 10.35 -17.43
C LEU B 368 17.92 10.03 -17.88
N TYR B 369 18.68 9.30 -17.07
CA TYR B 369 20.00 8.83 -17.49
C TYR B 369 19.89 7.98 -18.76
N ASP B 370 18.91 7.10 -18.79
CA ASP B 370 18.66 6.23 -19.93
C ASP B 370 18.44 7.06 -21.21
N VAL B 371 17.52 8.01 -21.16
CA VAL B 371 17.19 8.80 -22.33
C VAL B 371 18.37 9.64 -22.83
N LEU B 372 19.07 10.29 -21.91
CA LEU B 372 20.19 11.15 -22.29
C LEU B 372 21.32 10.34 -22.94
N THR B 373 21.65 9.18 -22.35
CA THR B 373 22.75 8.40 -22.89
C THR B 373 22.36 7.71 -24.20
N LYS B 374 21.11 7.27 -24.33
CA LYS B 374 20.61 6.70 -25.57
C LYS B 374 20.71 7.71 -26.72
N TYR B 375 20.26 8.95 -26.50
CA TYR B 375 20.39 9.96 -27.54
C TYR B 375 21.87 10.23 -27.88
N TRP B 376 22.69 10.34 -26.85
CA TRP B 376 24.10 10.69 -27.05
C TRP B 376 24.76 9.62 -27.90
N ASN B 377 24.56 8.36 -27.50
CA ASN B 377 25.16 7.25 -28.25
C ASN B 377 24.68 7.13 -29.69
N ARG B 378 23.45 7.53 -29.98
CA ARG B 378 22.97 7.37 -31.35
C ARG B 378 23.41 8.49 -32.29
N TYR B 379 23.34 9.73 -31.82
CA TYR B 379 23.52 10.90 -32.68
C TYR B 379 24.71 11.80 -32.32
N HIS B 380 25.18 11.72 -31.07
CA HIS B 380 26.26 12.58 -30.58
C HIS B 380 26.03 14.05 -30.83
N LEU B 381 24.78 14.48 -30.61
CA LEU B 381 24.42 15.88 -30.57
C LEU B 381 24.25 16.32 -29.13
N TYR B 382 24.71 17.52 -28.81
CA TYR B 382 24.58 17.98 -27.44
C TYR B 382 23.13 18.21 -27.07
N MET B 383 22.85 18.21 -25.76
CA MET B 383 21.49 18.25 -25.28
C MET B 383 21.30 19.26 -24.16
N TYR B 384 20.04 19.66 -23.96
CA TYR B 384 19.60 20.31 -22.73
C TYR B 384 18.49 19.43 -22.20
N VAL B 385 18.35 19.33 -20.88
CA VAL B 385 17.13 18.80 -20.31
C VAL B 385 16.19 19.96 -20.29
N THR B 386 15.27 19.98 -21.26
CA THR B 386 14.42 21.15 -21.44
C THR B 386 13.16 21.13 -20.59
N GLU B 387 12.77 19.95 -20.09
CA GLU B 387 11.72 19.84 -19.06
C GLU B 387 11.93 18.64 -18.19
N ASN B 388 11.65 18.84 -16.91
CA ASN B 388 11.60 17.78 -15.92
C ASN B 388 10.89 18.38 -14.71
N GLY B 389 9.89 17.68 -14.19
CA GLY B 389 9.14 18.19 -13.06
C GLY B 389 8.04 17.25 -12.63
N ILE B 390 7.22 17.71 -11.70
CA ILE B 390 6.23 16.86 -11.09
C ILE B 390 5.02 17.69 -10.67
N ALA B 391 3.83 17.12 -10.85
CA ALA B 391 2.58 17.69 -10.37
C ALA B 391 2.47 17.38 -8.88
N ASP B 392 2.63 18.41 -8.06
CA ASP B 392 2.78 18.24 -6.62
C ASP B 392 2.51 19.55 -5.91
N ASP B 393 1.23 19.86 -5.67
CA ASP B 393 0.90 21.15 -5.03
C ASP B 393 1.46 21.22 -3.61
N ALA B 394 1.44 20.08 -2.94
CA ALA B 394 1.79 20.02 -1.51
C ALA B 394 3.30 20.15 -1.29
N ASP B 395 4.07 19.86 -2.33
CA ASP B 395 5.54 19.83 -2.29
C ASP B 395 6.13 18.64 -1.54
N TYR B 396 5.36 17.59 -1.37
CA TYR B 396 5.86 16.40 -0.66
C TYR B 396 7.00 15.65 -1.36
N GLN B 397 6.84 15.40 -2.66
CA GLN B 397 7.78 14.64 -3.45
C GLN B 397 8.80 15.47 -4.21
N ARG B 398 8.46 16.72 -4.54
CA ARG B 398 9.31 17.49 -5.43
C ARG B 398 10.76 17.66 -4.95
N PRO B 399 11.00 17.87 -3.64
CA PRO B 399 12.43 17.97 -3.26
C PRO B 399 13.27 16.74 -3.68
N TYR B 400 12.71 15.55 -3.49
CA TYR B 400 13.35 14.30 -3.90
C TYR B 400 13.40 14.20 -5.42
N TYR B 401 12.30 14.55 -6.05
CA TYR B 401 12.19 14.49 -7.52
C TYR B 401 13.30 15.34 -8.17
N LEU B 402 13.40 16.58 -7.69
CA LEU B 402 14.40 17.52 -8.20
C LEU B 402 15.83 17.00 -8.03
N VAL B 403 16.21 16.67 -6.79
CA VAL B 403 17.60 16.33 -6.52
C VAL B 403 17.94 15.02 -7.23
N SER B 404 17.02 14.05 -7.21
CA SER B 404 17.23 12.76 -7.88
CA SER B 404 17.28 12.76 -7.86
C SER B 404 17.46 12.87 -9.37
N HIS B 405 16.62 13.65 -10.04
CA HIS B 405 16.79 13.85 -11.47
C HIS B 405 18.03 14.65 -11.85
N VAL B 406 18.37 15.67 -11.08
CA VAL B 406 19.60 16.41 -11.31
C VAL B 406 20.82 15.48 -11.13
N TYR B 407 20.79 14.62 -10.12
CA TYR B 407 21.86 13.62 -9.96
C TYR B 407 22.02 12.77 -11.21
N GLN B 408 20.90 12.37 -11.82
CA GLN B 408 20.96 11.51 -13.02
C GLN B 408 21.57 12.24 -14.20
N VAL B 409 21.37 13.56 -14.27
CA VAL B 409 22.03 14.35 -15.32
C VAL B 409 23.55 14.35 -15.08
N HIS B 410 23.95 14.51 -13.81
CA HIS B 410 25.36 14.43 -13.45
C HIS B 410 25.96 13.09 -13.90
N ARG B 411 25.23 12.00 -13.68
CA ARG B 411 25.68 10.67 -14.09
C ARG B 411 25.84 10.62 -15.59
N ALA B 412 24.87 11.16 -16.33
CA ALA B 412 24.94 11.16 -17.80
C ALA B 412 26.19 11.92 -18.29
N ILE B 413 26.47 13.08 -17.69
CA ILE B 413 27.67 13.86 -18.05
C ILE B 413 28.94 13.06 -17.75
N ASN B 414 28.94 12.38 -16.61
CA ASN B 414 30.11 11.59 -16.21
C ASN B 414 30.37 10.44 -17.19
N SER B 415 29.31 9.94 -17.80
CA SER B 415 29.39 8.86 -18.79
CA SER B 415 29.40 8.86 -18.78
C SER B 415 29.85 9.36 -20.15
N GLY B 416 29.93 10.68 -20.33
CA GLY B 416 30.41 11.28 -21.57
C GLY B 416 29.40 12.07 -22.40
N ALA B 417 28.13 12.02 -22.02
CA ALA B 417 27.09 12.76 -22.73
C ALA B 417 27.25 14.28 -22.55
N ASP B 418 27.13 15.01 -23.66
CA ASP B 418 27.30 16.45 -23.65
C ASP B 418 25.95 17.06 -23.34
N VAL B 419 25.72 17.32 -22.05
CA VAL B 419 24.46 17.89 -21.57
C VAL B 419 24.82 19.24 -20.95
N ARG B 420 24.17 20.30 -21.43
CA ARG B 420 24.63 21.66 -21.16
C ARG B 420 23.78 22.45 -20.19
N GLY B 421 22.66 21.88 -19.79
CA GLY B 421 21.84 22.53 -18.78
C GLY B 421 20.64 21.71 -18.39
N TYR B 422 20.03 22.13 -17.29
CA TYR B 422 18.84 21.47 -16.76
C TYR B 422 17.79 22.56 -16.52
N LEU B 423 16.63 22.39 -17.13
CA LEU B 423 15.56 23.39 -17.09
C LEU B 423 14.32 22.71 -16.48
N HIS B 424 13.97 23.11 -15.28
CA HIS B 424 12.83 22.54 -14.60
C HIS B 424 11.51 23.00 -15.23
N TRP B 425 10.55 22.09 -15.31
CA TRP B 425 9.14 22.47 -15.62
C TRP B 425 8.37 22.46 -14.31
N SER B 426 8.06 23.62 -13.72
CA SER B 426 8.34 24.96 -14.25
C SER B 426 8.68 25.91 -13.09
N LEU B 427 8.99 27.18 -13.42
CA LEU B 427 9.28 28.12 -12.36
C LEU B 427 8.02 28.28 -11.50
N ALA B 428 6.89 28.50 -12.17
CA ALA B 428 5.61 28.66 -11.45
C ALA B 428 4.53 27.73 -12.00
N ASP B 429 3.53 27.47 -11.16
CA ASP B 429 2.33 26.77 -11.61
C ASP B 429 1.78 27.44 -12.88
N ASN B 430 1.10 26.64 -13.70
CA ASN B 430 0.51 27.17 -14.91
C ASN B 430 -0.68 26.35 -15.43
N TYR B 431 -1.24 26.78 -16.55
CA TYR B 431 -2.41 26.12 -17.13
C TYR B 431 -2.01 24.83 -17.86
N GLU B 432 -2.45 23.71 -17.32
CA GLU B 432 -2.07 22.39 -17.83
C GLU B 432 -3.11 21.88 -18.80
N TRP B 433 -3.44 22.72 -19.77
CA TRP B 433 -4.32 22.38 -20.87
C TRP B 433 -5.61 21.72 -20.37
N ALA B 434 -5.91 20.48 -20.76
CA ALA B 434 -7.20 19.87 -20.40
C ALA B 434 -7.38 19.68 -18.88
N SER B 435 -6.27 19.57 -18.15
CA SER B 435 -6.32 19.45 -16.69
C SER B 435 -6.55 20.78 -16.00
N GLY B 436 -6.45 21.87 -16.75
CA GLY B 436 -6.68 23.17 -16.18
C GLY B 436 -5.58 23.51 -15.20
N PHE B 437 -5.94 24.23 -14.15
CA PHE B 437 -4.94 24.65 -13.17
C PHE B 437 -4.67 23.62 -12.05
N SER B 438 -5.37 22.50 -12.06
CA SER B 438 -5.31 21.57 -10.93
C SER B 438 -3.93 20.93 -10.72
N MET B 439 -3.22 20.72 -11.81
CA MET B 439 -1.92 20.08 -11.80
C MET B 439 -0.87 21.15 -11.71
N ARG B 440 -0.17 21.15 -10.58
CA ARG B 440 0.72 22.23 -10.19
C ARG B 440 2.17 21.78 -10.20
N PHE B 441 2.89 22.23 -11.22
CA PHE B 441 4.27 21.84 -11.48
C PHE B 441 5.31 22.89 -11.03
N GLY B 442 4.87 24.00 -10.48
CA GLY B 442 5.79 25.05 -10.08
C GLY B 442 6.73 24.76 -8.91
N LEU B 443 7.94 25.28 -9.02
CA LEU B 443 8.77 25.52 -7.86
C LEU B 443 8.10 26.58 -7.01
N LEU B 444 7.42 27.51 -7.68
CA LEU B 444 6.61 28.55 -7.05
C LEU B 444 5.12 28.26 -7.19
N LYS B 445 4.41 28.32 -6.09
CA LYS B 445 2.97 28.10 -6.05
C LYS B 445 2.26 29.38 -6.42
N VAL B 446 1.27 29.30 -7.30
CA VAL B 446 0.52 30.49 -7.72
C VAL B 446 -0.83 30.56 -7.03
N ASP B 447 -1.15 31.70 -6.42
CA ASP B 447 -2.54 31.97 -6.06
C ASP B 447 -3.21 32.62 -7.27
N TYR B 448 -4.07 31.90 -7.98
CA TYR B 448 -4.64 32.43 -9.23
C TYR B 448 -5.62 33.57 -9.02
N ASN B 449 -6.09 33.76 -7.78
CA ASN B 449 -6.98 34.87 -7.49
C ASN B 449 -6.24 36.20 -7.44
N THR B 450 -5.00 36.18 -6.97
CA THR B 450 -4.22 37.41 -6.69
C THR B 450 -2.98 37.49 -7.58
N LYS B 451 -2.64 36.37 -8.22
CA LYS B 451 -1.43 36.20 -9.06
C LYS B 451 -0.14 36.23 -8.24
N ARG B 452 -0.28 36.09 -6.93
CA ARG B 452 0.87 36.04 -6.04
C ARG B 452 1.62 34.71 -6.15
N LEU B 453 2.95 34.81 -6.12
CA LEU B 453 3.87 33.67 -6.16
C LEU B 453 4.45 33.38 -4.77
N TYR B 454 4.42 32.11 -4.38
CA TYR B 454 5.04 31.65 -3.12
C TYR B 454 6.13 30.63 -3.42
N TRP B 455 7.19 30.65 -2.60
CA TRP B 455 8.24 29.66 -2.69
C TRP B 455 7.89 28.38 -1.95
N ARG B 456 7.67 27.31 -2.68
CA ARG B 456 7.63 25.99 -2.08
C ARG B 456 9.02 25.65 -1.58
N PRO B 457 9.10 24.81 -0.53
CA PRO B 457 10.47 24.48 -0.08
C PRO B 457 11.42 23.94 -1.17
N SER B 458 10.91 23.23 -2.17
CA SER B 458 11.72 22.79 -3.29
CA SER B 458 11.69 22.82 -3.32
C SER B 458 12.40 23.95 -4.02
N ALA B 459 11.76 25.13 -4.05
CA ALA B 459 12.42 26.32 -4.60
C ALA B 459 13.66 26.73 -3.81
N LEU B 460 13.60 26.60 -2.49
CA LEU B 460 14.77 26.84 -1.67
C LEU B 460 15.85 25.80 -1.95
N VAL B 461 15.43 24.54 -2.14
CA VAL B 461 16.37 23.49 -2.52
C VAL B 461 17.02 23.80 -3.88
N TYR B 462 16.21 24.20 -4.87
CA TYR B 462 16.75 24.52 -6.18
C TYR B 462 17.73 25.69 -6.12
N ARG B 463 17.46 26.66 -5.25
CA ARG B 463 18.38 27.79 -5.08
C ARG B 463 19.76 27.29 -4.62
N GLU B 464 19.79 26.35 -3.69
CA GLU B 464 21.05 25.74 -3.23
CA GLU B 464 21.05 25.76 -3.25
C GLU B 464 21.80 25.12 -4.42
N ILE B 465 21.10 24.32 -5.22
CA ILE B 465 21.71 23.67 -6.39
C ILE B 465 22.24 24.70 -7.39
N ALA B 466 21.38 25.60 -7.82
CA ALA B 466 21.73 26.55 -8.88
C ALA B 466 22.85 27.51 -8.45
N THR B 467 22.77 28.04 -7.23
CA THR B 467 23.75 28.99 -6.75
CA THR B 467 23.76 29.00 -6.78
C THR B 467 25.12 28.34 -6.56
N ASN B 468 25.13 27.06 -6.21
CA ASN B 468 26.38 26.35 -6.01
C ASN B 468 26.87 25.58 -7.25
N GLY B 469 26.04 25.47 -8.28
CA GLY B 469 26.34 24.65 -9.44
C GLY B 469 26.61 23.20 -9.09
N ALA B 470 25.86 22.69 -8.12
CA ALA B 470 26.12 21.36 -7.57
C ALA B 470 24.99 20.94 -6.65
N ILE B 471 24.76 19.64 -6.58
CA ILE B 471 24.07 19.10 -5.40
C ILE B 471 25.05 19.11 -4.25
N THR B 472 24.77 19.95 -3.25
CA THR B 472 25.70 20.12 -2.15
C THR B 472 25.55 18.99 -1.13
N ASP B 473 26.55 18.82 -0.27
CA ASP B 473 26.59 17.67 0.63
C ASP B 473 25.32 17.65 1.48
N GLU B 474 24.86 18.81 1.91
CA GLU B 474 23.80 18.92 2.90
C GLU B 474 22.43 18.48 2.36
N ILE B 475 22.27 18.40 1.04
CA ILE B 475 20.96 17.98 0.50
C ILE B 475 21.03 16.68 -0.27
N GLU B 476 22.13 15.95 -0.15
CA GLU B 476 22.37 14.75 -0.92
CA GLU B 476 22.33 14.75 -0.95
C GLU B 476 21.42 13.61 -0.55
N HIS B 477 20.85 13.67 0.65
CA HIS B 477 19.91 12.61 1.07
C HIS B 477 18.61 12.63 0.23
N LEU B 478 18.32 13.75 -0.43
CA LEU B 478 17.14 13.88 -1.30
C LEU B 478 17.31 13.15 -2.62
N ASN B 479 18.54 12.64 -2.89
CA ASN B 479 18.77 11.74 -4.02
C ASN B 479 18.27 10.35 -3.65
N SER B 480 16.95 10.23 -3.51
CA SER B 480 16.30 9.04 -3.00
C SER B 480 14.81 9.07 -3.33
N VAL B 481 14.15 7.93 -3.13
CA VAL B 481 12.70 7.84 -3.37
C VAL B 481 11.96 8.44 -2.18
N PRO B 482 10.96 9.30 -2.45
CA PRO B 482 10.13 9.78 -1.33
C PRO B 482 9.63 8.61 -0.51
N PRO B 483 9.77 8.67 0.82
CA PRO B 483 9.22 7.59 1.64
C PRO B 483 7.76 7.34 1.36
N VAL B 484 7.42 6.08 1.11
CA VAL B 484 6.07 5.77 0.70
CA VAL B 484 6.09 5.70 0.70
C VAL B 484 5.13 5.50 1.86
N LYS B 485 5.65 5.03 2.99
CA LYS B 485 4.78 4.73 4.13
C LYS B 485 3.88 5.91 4.54
N PRO B 486 4.42 7.14 4.56
CA PRO B 486 3.55 8.23 5.02
C PRO B 486 2.63 8.80 3.95
N LEU B 487 2.83 8.37 2.71
CA LEU B 487 2.01 8.86 1.60
C LEU B 487 0.78 7.97 1.37
N ARG B 488 -0.19 8.51 0.64
CA ARG B 488 -1.40 7.77 0.30
C ARG B 488 -1.01 6.57 -0.59
N HIS B 489 -1.63 5.41 -0.32
CA HIS B 489 -1.54 4.26 -1.20
C HIS B 489 -2.97 4.00 -1.72
CL CL C . 3.83 -22.67 18.75
CL CL D . -22.59 -3.27 20.17
CL CL E . 6.69 -38.85 21.81
C1 MPD F . -20.31 -23.00 52.08
C2 MPD F . -20.37 -21.74 51.20
O2 MPD F . -21.67 -21.16 51.41
CM MPD F . -19.30 -20.73 51.59
C3 MPD F . -20.26 -22.14 49.74
C4 MPD F . -20.40 -20.94 48.81
O4 MPD F . -19.12 -20.31 48.74
C5 MPD F . -20.88 -21.44 47.46
C1 MPD G . -1.75 -14.12 18.05
C2 MPD G . -1.45 -15.37 18.87
O2 MPD G . -2.25 -16.46 18.36
CM MPD G . 0.01 -15.79 18.69
C3 MPD G . -1.73 -15.16 20.36
C4 MPD G . -3.19 -15.34 20.79
O4 MPD G . -3.59 -16.70 20.65
C5 MPD G . -3.33 -14.97 22.26
C1 MPD H . -4.83 -11.10 22.72
C2 MPD H . -5.44 -11.12 24.11
O2 MPD H . -6.70 -10.41 24.00
CM MPD H . -5.81 -12.53 24.53
C3 MPD H . -4.43 -10.54 25.12
C4 MPD H . -4.81 -9.32 25.95
O4 MPD H . -6.19 -9.05 25.95
C5 MPD H . -4.36 -9.49 27.40
C TRS I . -8.11 -15.50 22.05
C1 TRS I . -8.05 -14.64 20.78
C2 TRS I . -8.55 -14.65 23.23
C3 TRS I . -6.77 -16.12 22.39
N TRS I . -9.11 -16.54 21.84
O1 TRS I . -7.18 -13.56 21.02
O2 TRS I . -9.91 -14.29 23.03
O3 TRS I . -6.43 -17.09 21.43
CL CL J . 11.04 8.75 -26.17
CL CL K . 23.70 10.27 -36.82
CL CL L . -5.28 29.29 -6.70
C1 MPD M . 4.02 11.80 -19.30
C2 MPD M . 4.70 12.14 -20.62
O2 MPD M . 5.94 12.81 -20.29
CM MPD M . 5.07 10.86 -21.39
C3 MPD M . 3.81 13.00 -21.52
C4 MPD M . 3.77 14.50 -21.21
O4 MPD M . 5.06 15.05 -21.06
C5 MPD M . 3.08 15.23 -22.35
C1 MPD N . 0.44 45.35 -20.94
C2 MPD N . -0.37 45.19 -22.22
O2 MPD N . -1.08 43.92 -22.10
CM MPD N . -1.44 46.27 -22.37
C3 MPD N . 0.57 45.34 -23.43
C4 MPD N . 0.45 44.30 -24.54
O4 MPD N . -0.86 43.76 -24.59
C5 MPD N . 0.85 44.91 -25.89
C1 MPD O . -0.66 15.99 -20.47
C2 MPD O . -1.09 17.33 -21.10
O2 MPD O . -1.59 18.13 -19.98
CM MPD O . 0.12 18.05 -21.65
C3 MPD O . -2.08 17.14 -22.28
C4 MPD O . -3.56 17.43 -22.04
O4 MPD O . -3.74 18.57 -21.25
C5 MPD O . -4.35 17.71 -23.32
C TRS P . 3.84 19.56 -19.97
C1 TRS P . 4.11 18.62 -21.15
C2 TRS P . 3.63 18.82 -18.65
C3 TRS P . 2.64 20.44 -20.25
N TRS P . 4.98 20.44 -19.82
O1 TRS P . 5.30 17.88 -20.94
O2 TRS P . 2.53 17.96 -18.78
O3 TRS P . 2.55 21.45 -19.24
#